data_7OIL
#
_entry.id   7OIL
#
_cell.length_a   142.010
_cell.length_b   64.750
_cell.length_c   116.380
_cell.angle_alpha   90.000
_cell.angle_beta   103.390
_cell.angle_gamma   90.000
#
_symmetry.space_group_name_H-M   'C 1 2 1'
#
loop_
_entity.id
_entity.type
_entity.pdbx_description
1 polymer 'Phosphatidylinositol 4,5-bisphosphate 3-kinase catalytic subunit delta isoform'
2 non-polymer 'SODIUM ION'
3 non-polymer 2-[(1S)-1-cyclopropylethyl]-5-[4-methyl-2-[[6-(2-oxidanylidenepyrrolidin-1-yl)pyridin-2-yl]amino]-1,3-thiazol-5-yl]-7-methylsulfonyl-3H-isoindol-1-one
4 water water
#
_entity_poly.entity_id   1
_entity_poly.type   'polypeptide(L)'
_entity_poly.pdbx_seq_one_letter_code
;MSYHNHNHNHNHNHNDYDIPTTENLYFQGAMDLMPPGVDCPMEFWTKEESQSVVVDFLLPTGVYLNFPVSRNANLSTIKQ
VLWHRAQYEPLFHMLSDPEAYVFTCVNQTAEQQELEDEQRRLCDIQPFLPVLRLVAREENLYFQGGDRVKKLINSQISLL
IGKGLHEFDSLRDPEVNDFRTKMRQFCEEAAAHRQQLGWVEWLQYSFPLQLEPSARGWRAGLLRVSNRALLVNVKFEGSE
ESFTFQVSTKDMPLALMACALRKKATVFRQPLVEQPEEYALQVNGRHEYLYGNYPLCHFQYICSCLHSGLTPHLTMVHSS
SILAMRDEQSNPAPQVQKPRAKPPPIPAKKPSSVSLWSLEQPFSIELIEGRKVNADERMKLVVQAGLFHGNEMLCKTVSS
SEVNVCSEPVWKQRLEFDISVCDLPRMARLCFALYAVVEKAKKARSTKKKSKKADCPIAWANLMLFDYKDQLKTGERCLY
MWPSVPDEKGELLNPAGTVRGNPNTESAAALVIYLPEVAPHPVYFPALEKILELGRHGERGRITEEEQLQLREILERRGS
GELYEHEKDLVWKMRHEVQEHFPEALARLLLVTKWNKHEDVAQMLYLLCSWPELPVLSALELLDFSFPDCYVGSFAIKSL
RKLTDDELFQYLLQLVQVLKYESYLDCELTKFLLGRALANRKIGHFLFWHLRSEMHVPSVALRFGLIMEAYCRGSTHHMK
VLMKQGEALSKLKALNDFVKVSSQKTTKPQTKEMMHMCMRQETYMEALSHLQSPLDPSTLLEEVCVEQCTFMDSKMKPLW
IMYSSEEAGSAGNVGIIFKNGDDLRQDMLTLQMIQLMDVLWKQEGLDLRMTPYGCLPTGDRTGLIEVVLHSDTIANIQLN
KSNMAATAAFNKDALLNWLKSKNPGEALDRAIEEFTLSCAGYCVATYVLGIGDRHSDNIMIRESGQLFHIDFGHFLGNFK
TKFGINRERVPFILTYDFVHVIQQGKTNNSEKFERFRGYCERAYTILRRHGLLFLHLFALMRAAGLPELSCSKDIQYLKD
SLALGKTEEEALKHFRVKFNEALRESWKTKVNWLAHNVSKDNRQ
;
_entity_poly.pdbx_strand_id   AAA
#
loop_
_chem_comp.id
_chem_comp.type
_chem_comp.name
_chem_comp.formula
NA non-polymer 'SODIUM ION' 'Na 1'
VEN non-polymer 2-[(1S)-1-cyclopropylethyl]-5-[4-methyl-2-[[6-(2-oxidanylidenepyrrolidin-1-yl)pyridin-2-yl]amino]-1,3-thiazol-5-yl]-7-methylsulfonyl-3H-isoindol-1-one 'C27 H29 N5 O4 S2'
#
# COMPACT_ATOMS: atom_id res chain seq x y z
N VAL A 149 24.55 4.59 25.50
CA VAL A 149 23.68 5.28 24.50
C VAL A 149 23.35 4.32 23.35
N LYS A 150 24.36 3.65 22.80
CA LYS A 150 24.21 2.45 21.92
C LYS A 150 23.14 1.50 22.51
N LYS A 151 23.19 1.22 23.83
CA LYS A 151 22.30 0.23 24.53
C LYS A 151 20.86 0.76 24.57
N LEU A 152 20.71 2.04 24.88
CA LEU A 152 19.40 2.74 24.92
C LEU A 152 18.72 2.61 23.54
N ILE A 153 19.41 2.98 22.46
CA ILE A 153 18.92 2.97 21.06
C ILE A 153 18.40 1.57 20.74
N ASN A 154 19.14 0.54 21.13
CA ASN A 154 18.75 -0.88 20.93
C ASN A 154 17.46 -1.18 21.68
N SER A 155 17.29 -0.78 22.95
CA SER A 155 16.02 -1.07 23.67
C SER A 155 14.88 -0.25 23.04
N GLN A 156 15.18 0.93 22.48
CA GLN A 156 14.13 1.74 21.82
C GLN A 156 13.68 1.07 20.52
N ILE A 157 14.62 0.58 19.70
CA ILE A 157 14.30 -0.10 18.42
C ILE A 157 13.47 -1.33 18.75
N SER A 158 13.93 -2.15 19.70
CA SER A 158 13.17 -3.32 20.23
C SER A 158 11.72 -2.96 20.55
N LEU A 159 11.50 -1.92 21.36
CA LEU A 159 10.15 -1.47 21.81
C LEU A 159 9.33 -1.05 20.57
N LEU A 160 9.88 -0.14 19.78
CA LEU A 160 9.20 0.40 18.58
C LEU A 160 8.81 -0.75 17.64
N ILE A 161 9.72 -1.64 17.26
CA ILE A 161 9.43 -2.61 16.15
C ILE A 161 8.59 -3.74 16.72
N GLY A 162 8.55 -3.92 18.04
CA GLY A 162 7.77 -4.97 18.73
C GLY A 162 8.45 -6.34 18.74
N LYS A 163 9.78 -6.37 18.70
CA LYS A 163 10.60 -7.61 18.74
C LYS A 163 11.98 -7.23 19.29
N GLY A 164 12.44 -7.91 20.34
CA GLY A 164 13.77 -7.64 20.91
C GLY A 164 14.88 -7.99 19.93
N LEU A 165 15.86 -7.08 19.80
CA LEU A 165 17.05 -7.21 18.92
C LEU A 165 17.84 -8.48 19.31
N HIS A 166 17.84 -8.82 20.60
CA HIS A 166 18.49 -10.03 21.17
C HIS A 166 17.99 -11.28 20.44
N GLU A 167 16.69 -11.32 20.10
CA GLU A 167 16.07 -12.49 19.41
C GLU A 167 16.73 -12.74 18.05
N PHE A 168 17.24 -11.69 17.39
CA PHE A 168 17.94 -11.82 16.08
C PHE A 168 19.24 -12.61 16.32
N ASP A 169 20.11 -12.11 17.20
CA ASP A 169 21.40 -12.75 17.62
C ASP A 169 21.23 -14.27 17.84
N SER A 170 20.16 -14.66 18.53
CA SER A 170 19.90 -16.02 19.07
C SER A 170 19.51 -17.02 17.99
N LEU A 171 19.19 -16.55 16.78
CA LEU A 171 18.94 -17.44 15.62
C LEU A 171 20.29 -18.07 15.21
N ARG A 172 21.41 -17.42 15.50
CA ARG A 172 22.78 -17.83 15.08
C ARG A 172 22.76 -18.01 13.56
N ASP A 173 22.11 -17.11 12.83
CA ASP A 173 21.87 -17.17 11.37
C ASP A 173 22.82 -16.18 10.71
N PRO A 174 23.79 -16.66 9.91
CA PRO A 174 24.72 -15.74 9.26
C PRO A 174 24.02 -14.86 8.20
N GLU A 175 22.92 -15.35 7.58
CA GLU A 175 22.15 -14.54 6.59
C GLU A 175 21.53 -13.35 7.34
N VAL A 176 20.96 -13.59 8.51
CA VAL A 176 20.40 -12.52 9.38
C VAL A 176 21.54 -11.58 9.73
N ASN A 177 22.68 -12.13 10.14
CA ASN A 177 23.82 -11.36 10.70
C ASN A 177 24.40 -10.50 9.58
N ASP A 178 24.43 -11.02 8.37
CA ASP A 178 25.00 -10.28 7.23
C ASP A 178 23.99 -9.21 6.74
N PHE A 179 22.69 -9.53 6.68
CA PHE A 179 21.64 -8.52 6.38
C PHE A 179 21.83 -7.32 7.32
N ARG A 180 21.94 -7.61 8.60
CA ARG A 180 21.97 -6.60 9.66
C ARG A 180 23.22 -5.74 9.56
N THR A 181 24.39 -6.36 9.38
CA THR A 181 25.67 -5.59 9.33
C THR A 181 25.67 -4.76 8.05
N LYS A 182 25.29 -5.34 6.91
CA LYS A 182 25.36 -4.63 5.60
C LYS A 182 24.27 -3.52 5.49
N MET A 183 23.01 -3.79 5.83
CA MET A 183 21.96 -2.73 5.77
C MET A 183 22.24 -1.64 6.81
N ARG A 184 22.94 -1.94 7.90
CA ARG A 184 23.21 -0.91 8.95
C ARG A 184 24.20 0.10 8.37
N GLN A 185 25.21 -0.42 7.69
CA GLN A 185 26.26 0.39 7.04
C GLN A 185 25.61 1.23 5.94
N PHE A 186 24.75 0.59 5.15
CA PHE A 186 23.93 1.23 4.10
C PHE A 186 23.08 2.40 4.67
N CYS A 187 22.44 2.24 5.82
CA CYS A 187 21.49 3.25 6.38
C CYS A 187 22.29 4.37 7.04
N GLU A 188 23.42 4.05 7.67
CA GLU A 188 24.30 5.08 8.32
C GLU A 188 24.92 5.98 7.24
N GLU A 189 25.25 5.45 6.08
CA GLU A 189 25.83 6.26 4.97
C GLU A 189 24.77 7.28 4.52
N ALA A 190 23.52 6.81 4.40
CA ALA A 190 22.37 7.67 4.02
C ALA A 190 22.17 8.74 5.11
N ALA A 191 22.24 8.39 6.39
CA ALA A 191 22.13 9.38 7.49
C ALA A 191 23.25 10.43 7.39
N ALA A 192 24.46 10.03 6.99
CA ALA A 192 25.64 10.92 6.93
C ALA A 192 25.43 11.92 5.81
N HIS A 193 25.04 11.44 4.63
CA HIS A 193 24.70 12.28 3.46
C HIS A 193 23.59 13.27 3.85
N ARG A 194 22.61 12.84 4.65
CA ARG A 194 21.42 13.66 4.96
C ARG A 194 21.82 14.85 5.86
N GLN A 195 22.75 14.65 6.79
CA GLN A 195 23.09 15.70 7.80
C GLN A 195 23.86 16.86 7.15
N GLN A 196 24.25 16.71 5.89
CA GLN A 196 24.97 17.76 5.11
C GLN A 196 24.18 18.28 3.88
N LEU A 197 22.97 17.77 3.65
CA LEU A 197 22.02 18.38 2.68
C LEU A 197 22.04 19.89 2.90
N GLY A 198 22.07 20.69 1.84
CA GLY A 198 21.71 22.14 1.93
C GLY A 198 20.29 22.33 2.44
N TRP A 199 19.94 23.52 2.93
CA TRP A 199 18.66 23.72 3.66
C TRP A 199 17.46 23.43 2.73
N VAL A 200 17.57 23.74 1.44
CA VAL A 200 16.47 23.45 0.49
C VAL A 200 16.36 21.95 0.25
N GLU A 201 17.51 21.26 0.17
CA GLU A 201 17.54 19.79 0.01
C GLU A 201 16.92 19.16 1.26
N TRP A 202 17.18 19.71 2.43
CA TRP A 202 16.65 19.14 3.71
C TRP A 202 15.12 19.31 3.76
N LEU A 203 14.59 20.47 3.35
CA LEU A 203 13.12 20.68 3.15
C LEU A 203 12.60 19.53 2.26
N GLN A 204 13.26 19.29 1.13
CA GLN A 204 12.84 18.24 0.16
C GLN A 204 12.82 16.88 0.86
N TYR A 205 13.79 16.60 1.74
CA TYR A 205 13.90 15.31 2.46
C TYR A 205 12.73 15.24 3.45
N SER A 206 12.57 16.30 4.23
CA SER A 206 11.73 16.34 5.45
C SER A 206 10.27 16.71 5.18
N PHE A 207 10.01 17.65 4.28
CA PHE A 207 8.66 18.20 3.99
C PHE A 207 8.46 18.20 2.49
N PRO A 208 8.51 17.02 1.86
CA PRO A 208 8.40 16.92 0.41
C PRO A 208 7.13 17.61 -0.08
N LEU A 209 7.21 18.30 -1.22
CA LEU A 209 6.10 19.10 -1.80
C LEU A 209 4.84 18.26 -2.05
N GLN A 210 3.71 18.78 -1.61
CA GLN A 210 2.39 18.13 -1.83
C GLN A 210 1.71 18.92 -2.95
N LEU A 211 1.80 18.40 -4.16
CA LEU A 211 1.36 19.07 -5.42
C LEU A 211 0.10 18.35 -5.92
N GLU A 212 -0.85 19.06 -6.53
CA GLU A 212 -2.05 18.48 -7.20
C GLU A 212 -1.60 17.61 -8.38
N PRO A 213 -2.21 16.44 -8.62
CA PRO A 213 -1.78 15.53 -9.71
C PRO A 213 -1.52 16.06 -11.12
N ASN A 227 -4.44 35.24 -13.21
CA ASN A 227 -5.56 34.29 -13.42
C ASN A 227 -6.72 34.64 -12.47
N ARG A 228 -6.62 34.32 -11.17
CA ARG A 228 -7.77 34.48 -10.23
C ARG A 228 -7.32 34.98 -8.84
N ALA A 229 -8.22 35.69 -8.15
CA ALA A 229 -7.95 36.48 -6.94
C ALA A 229 -7.81 35.55 -5.75
N LEU A 230 -6.81 35.76 -4.89
CA LEU A 230 -6.55 34.91 -3.70
C LEU A 230 -6.04 35.74 -2.51
N LEU A 231 -6.69 35.61 -1.36
CA LEU A 231 -6.30 36.28 -0.10
C LEU A 231 -5.42 35.32 0.72
N VAL A 232 -4.21 35.74 1.10
CA VAL A 232 -3.25 34.90 1.87
C VAL A 232 -2.86 35.67 3.11
N ASN A 233 -2.92 35.06 4.29
CA ASN A 233 -2.41 35.66 5.55
C ASN A 233 -0.97 35.17 5.72
N VAL A 234 0.01 36.04 5.96
CA VAL A 234 1.42 35.61 6.14
C VAL A 234 1.96 36.27 7.40
N LYS A 235 2.68 35.50 8.20
CA LYS A 235 3.48 36.01 9.34
C LYS A 235 4.91 35.49 9.26
N PHE A 236 5.77 36.07 10.09
CA PHE A 236 7.19 35.66 10.31
C PHE A 236 7.22 34.77 11.55
N GLU A 237 8.21 33.90 11.65
CA GLU A 237 8.25 32.75 12.62
C GLU A 237 8.09 33.22 14.08
N GLY A 238 8.82 34.27 14.51
CA GLY A 238 8.81 34.69 15.93
C GLY A 238 8.06 35.98 16.15
N SER A 239 6.73 35.96 15.97
CA SER A 239 5.84 37.16 15.91
C SER A 239 4.36 36.77 15.92
N GLU A 240 3.50 37.59 16.55
CA GLU A 240 2.00 37.42 16.49
C GLU A 240 1.43 38.19 15.28
N GLU A 241 2.11 39.26 14.87
CA GLU A 241 1.64 40.17 13.81
C GLU A 241 1.68 39.46 12.45
N SER A 242 0.83 39.88 11.53
CA SER A 242 0.53 39.18 10.27
C SER A 242 -0.20 40.11 9.32
N PHE A 243 0.16 40.07 8.03
CA PHE A 243 -0.38 40.91 6.95
C PHE A 243 -1.21 39.98 6.05
N THR A 244 -2.42 40.39 5.66
CA THR A 244 -3.28 39.66 4.70
C THR A 244 -3.04 40.29 3.32
N PHE A 245 -2.59 39.49 2.35
CA PHE A 245 -2.20 39.93 0.97
C PHE A 245 -3.24 39.47 -0.04
N GLN A 246 -3.42 40.29 -1.08
CA GLN A 246 -4.09 39.85 -2.32
C GLN A 246 -2.99 39.47 -3.32
N VAL A 247 -2.91 38.19 -3.67
CA VAL A 247 -2.03 37.70 -4.75
C VAL A 247 -2.91 36.95 -5.75
N SER A 248 -2.29 36.30 -6.74
CA SER A 248 -2.99 35.54 -7.80
C SER A 248 -2.67 34.04 -7.69
N THR A 249 -3.65 33.21 -8.05
CA THR A 249 -3.54 31.74 -8.08
C THR A 249 -2.37 31.32 -8.99
N LYS A 250 -1.88 32.18 -9.88
CA LYS A 250 -0.75 31.84 -10.78
C LYS A 250 0.56 32.42 -10.19
N ASP A 251 0.50 33.17 -9.10
CA ASP A 251 1.75 33.67 -8.47
C ASP A 251 2.53 32.50 -7.85
N MET A 252 3.86 32.63 -7.86
CA MET A 252 4.82 31.66 -7.27
C MET A 252 5.07 32.03 -5.81
N PRO A 253 5.44 31.06 -4.95
CA PRO A 253 5.79 31.33 -3.56
C PRO A 253 6.69 32.56 -3.42
N LEU A 254 7.68 32.72 -4.31
CA LEU A 254 8.71 33.79 -4.19
C LEU A 254 8.07 35.18 -4.24
N ALA A 255 7.11 35.39 -5.13
CA ALA A 255 6.36 36.65 -5.28
C ALA A 255 5.77 37.03 -3.92
N LEU A 256 5.21 36.03 -3.24
CA LEU A 256 4.47 36.17 -1.98
C LEU A 256 5.45 36.47 -0.86
N MET A 257 6.63 35.84 -0.85
CA MET A 257 7.68 36.07 0.17
C MET A 257 8.32 37.45 -0.07
N ALA A 258 8.43 37.88 -1.32
CA ALA A 258 8.87 39.24 -1.71
C ALA A 258 7.95 40.25 -1.01
N CYS A 259 6.62 40.09 -1.17
CA CYS A 259 5.56 40.95 -0.57
C CYS A 259 5.68 40.94 0.95
N ALA A 260 5.77 39.76 1.54
CA ALA A 260 5.91 39.57 3.00
C ALA A 260 7.06 40.45 3.49
N LEU A 261 8.22 40.39 2.84
CA LEU A 261 9.46 41.09 3.31
C LEU A 261 9.37 42.61 3.07
N ARG A 262 8.73 43.05 1.98
CA ARG A 262 8.47 44.50 1.75
C ARG A 262 7.56 44.99 2.88
N LYS A 263 6.45 44.32 3.14
CA LYS A 263 5.52 44.71 4.22
C LYS A 263 6.28 44.83 5.54
N LYS A 264 7.23 43.93 5.81
CA LYS A 264 7.96 43.85 7.10
C LYS A 264 8.86 45.08 7.23
N ALA A 265 9.48 45.49 6.12
CA ALA A 265 10.54 46.53 6.05
C ALA A 265 9.95 47.94 6.17
N THR A 266 8.67 48.12 5.82
CA THR A 266 7.91 49.37 6.09
C THR A 266 7.60 49.41 7.60
N VAL A 267 7.14 48.28 8.15
CA VAL A 267 6.74 48.13 9.59
C VAL A 267 8.00 48.10 10.49
N PHE A 268 9.11 47.48 10.07
CA PHE A 268 10.39 47.47 10.85
C PHE A 268 11.29 48.62 10.36
N ARG A 269 10.76 49.54 9.55
CA ARG A 269 11.42 50.80 9.17
C ARG A 269 12.79 50.50 8.52
N GLN A 270 12.94 49.31 7.95
CA GLN A 270 14.22 48.78 7.40
C GLN A 270 15.36 49.13 8.36
N GLN A 275 15.64 39.44 1.39
CA GLN A 275 15.95 38.56 0.22
C GLN A 275 15.04 37.32 0.23
N PRO A 276 14.01 37.23 -0.64
CA PRO A 276 13.01 36.16 -0.56
C PRO A 276 13.51 34.71 -0.72
N GLU A 277 14.68 34.56 -1.33
CA GLU A 277 15.30 33.25 -1.69
C GLU A 277 15.84 32.55 -0.44
N GLU A 278 15.86 33.23 0.72
CA GLU A 278 16.40 32.73 2.02
C GLU A 278 15.26 32.16 2.87
N TYR A 279 14.03 32.05 2.34
CA TYR A 279 12.81 31.71 3.10
C TYR A 279 12.03 30.59 2.42
N ALA A 280 11.26 29.86 3.22
CA ALA A 280 10.19 28.96 2.74
C ALA A 280 8.89 29.28 3.48
N LEU A 281 7.75 29.01 2.87
CA LEU A 281 6.46 29.29 3.50
C LEU A 281 5.91 28.02 4.16
N GLN A 282 5.83 28.05 5.49
CA GLN A 282 5.20 26.97 6.29
C GLN A 282 3.67 27.19 6.35
N VAL A 283 2.90 26.12 6.17
CA VAL A 283 1.45 26.09 6.45
C VAL A 283 1.36 26.06 7.97
N ASN A 284 0.70 27.06 8.57
CA ASN A 284 0.80 27.29 10.03
C ASN A 284 0.31 26.01 10.70
N GLY A 285 1.06 25.56 11.71
CA GLY A 285 0.71 24.40 12.54
C GLY A 285 0.71 23.10 11.76
N ARG A 286 1.39 23.06 10.60
CA ARG A 286 1.61 21.79 9.82
C ARG A 286 3.11 21.63 9.52
N HIS A 287 3.61 20.39 9.39
CA HIS A 287 4.94 20.09 8.79
C HIS A 287 4.75 20.04 7.27
N GLU A 288 4.35 21.15 6.68
CA GLU A 288 4.08 21.25 5.24
C GLU A 288 4.58 22.63 4.80
N TYR A 289 5.22 22.69 3.63
CA TYR A 289 5.90 23.93 3.16
C TYR A 289 5.57 24.16 1.69
N LEU A 290 5.55 25.43 1.34
CA LEU A 290 5.32 25.99 -0.02
C LEU A 290 6.63 26.60 -0.47
N TYR A 291 7.20 26.08 -1.55
CA TYR A 291 8.51 26.47 -2.11
C TYR A 291 8.60 25.88 -3.52
N GLY A 292 9.53 26.41 -4.32
CA GLY A 292 9.84 25.96 -5.68
C GLY A 292 9.03 26.71 -6.72
N ASN A 293 9.31 26.43 -8.01
CA ASN A 293 8.77 27.18 -9.17
C ASN A 293 7.45 26.57 -9.57
N TYR A 294 6.43 26.74 -8.74
CA TYR A 294 5.09 26.23 -9.00
C TYR A 294 4.17 27.34 -8.61
N PRO A 295 3.12 27.60 -9.40
CA PRO A 295 2.11 28.56 -8.99
C PRO A 295 1.34 28.02 -7.77
N LEU A 296 0.86 28.94 -6.93
CA LEU A 296 0.17 28.61 -5.68
C LEU A 296 -0.89 27.55 -5.95
N CYS A 297 -1.64 27.60 -7.05
CA CYS A 297 -2.83 26.73 -7.22
C CYS A 297 -2.43 25.29 -7.59
N HIS A 298 -1.13 25.04 -7.87
CA HIS A 298 -0.57 23.66 -8.02
C HIS A 298 -0.30 23.02 -6.65
N PHE A 299 -0.32 23.75 -5.53
CA PHE A 299 -0.04 23.22 -4.16
C PHE A 299 -1.34 22.66 -3.55
N GLN A 300 -1.34 21.39 -3.13
CA GLN A 300 -2.56 20.72 -2.58
C GLN A 300 -3.25 21.63 -1.54
N TYR A 301 -2.48 22.18 -0.61
CA TYR A 301 -3.02 23.03 0.45
C TYR A 301 -3.77 24.25 -0.18
N ILE A 302 -3.13 24.96 -1.10
CA ILE A 302 -3.74 26.19 -1.68
C ILE A 302 -5.00 25.74 -2.41
N CYS A 303 -4.88 24.70 -3.24
CA CYS A 303 -5.99 24.07 -4.00
C CYS A 303 -7.15 23.78 -3.05
N SER A 304 -6.82 23.22 -1.88
CA SER A 304 -7.78 22.71 -0.86
C SER A 304 -8.54 23.89 -0.24
N CYS A 305 -7.84 24.98 0.04
CA CYS A 305 -8.37 26.28 0.54
C CYS A 305 -9.29 26.91 -0.51
N LEU A 306 -8.99 26.83 -1.80
CA LEU A 306 -9.88 27.39 -2.87
C LEU A 306 -11.23 26.65 -2.87
N HIS A 307 -11.24 25.32 -2.72
CA HIS A 307 -12.48 24.51 -2.77
C HIS A 307 -13.31 24.71 -1.49
N SER A 308 -12.67 24.80 -0.33
CA SER A 308 -13.34 24.97 0.98
C SER A 308 -13.70 26.45 1.25
N GLY A 309 -13.13 27.38 0.48
CA GLY A 309 -13.33 28.84 0.66
C GLY A 309 -12.51 29.44 1.80
N LEU A 310 -11.60 28.69 2.44
CA LEU A 310 -10.75 29.18 3.57
C LEU A 310 -9.56 29.99 3.04
N THR A 311 -9.02 30.88 3.90
CA THR A 311 -7.85 31.78 3.67
C THR A 311 -6.57 31.04 4.04
N PRO A 312 -5.66 30.75 3.08
CA PRO A 312 -4.34 30.21 3.43
C PRO A 312 -3.66 31.02 4.54
N HIS A 313 -3.10 30.33 5.55
CA HIS A 313 -2.30 30.92 6.66
C HIS A 313 -0.89 30.33 6.57
N LEU A 314 0.11 31.14 6.23
CA LEU A 314 1.50 30.69 5.97
C LEU A 314 2.46 31.39 6.92
N THR A 315 3.60 30.79 7.21
CA THR A 315 4.64 31.38 8.08
C THR A 315 5.96 31.41 7.30
N MET A 316 6.56 32.61 7.18
CA MET A 316 7.90 32.83 6.60
C MET A 316 8.95 32.18 7.50
N VAL A 317 9.61 31.10 7.06
CA VAL A 317 10.66 30.39 7.85
C VAL A 317 12.01 30.62 7.15
N HIS A 318 12.98 31.20 7.86
CA HIS A 318 14.35 31.51 7.36
C HIS A 318 15.19 30.25 7.27
N SER A 319 16.15 30.24 6.33
CA SER A 319 17.06 29.10 6.05
C SER A 319 17.75 28.65 7.34
N SER A 320 18.20 29.60 8.16
CA SER A 320 18.87 29.40 9.48
C SER A 320 18.03 28.52 10.43
N SER A 321 16.70 28.69 10.43
CA SER A 321 15.77 27.93 11.32
C SER A 321 15.55 26.50 10.77
N ILE A 322 15.62 26.31 9.46
CA ILE A 322 15.53 24.97 8.84
C ILE A 322 16.82 24.20 9.11
N LEU A 323 17.97 24.83 8.94
CA LEU A 323 19.29 24.23 9.29
C LEU A 323 19.31 23.82 10.77
N ALA A 324 18.74 24.64 11.63
CA ALA A 324 18.55 24.33 13.07
C ALA A 324 17.77 23.01 13.20
N MET A 325 16.74 22.81 12.40
CA MET A 325 15.98 21.55 12.44
C MET A 325 16.86 20.39 11.94
N ARG A 326 17.74 20.60 10.95
CA ARG A 326 18.59 19.50 10.41
C ARG A 326 19.59 19.06 11.49
N ASP A 327 20.23 20.03 12.14
CA ASP A 327 21.33 19.80 13.11
C ASP A 327 20.77 19.05 14.32
N GLU A 328 19.60 19.43 14.84
CA GLU A 328 18.99 18.83 16.07
C GLU A 328 18.60 17.37 15.78
N GLN A 329 18.66 16.92 14.53
CA GLN A 329 18.13 15.58 14.16
C GLN A 329 19.27 14.63 13.74
N SER A 330 20.50 14.82 14.26
CA SER A 330 21.73 14.10 13.85
C SER A 330 21.86 12.79 14.64
N ASN A 331 22.71 11.86 14.18
CA ASN A 331 22.74 10.44 14.65
C ASN A 331 23.65 10.29 15.88
N LEU A 356 28.42 -27.60 -10.87
CA LEU A 356 28.28 -26.49 -11.86
C LEU A 356 27.67 -27.12 -13.13
N TRP A 357 28.21 -26.87 -14.34
CA TRP A 357 27.76 -27.55 -15.60
C TRP A 357 28.17 -29.03 -15.59
N SER A 358 29.13 -29.42 -14.73
CA SER A 358 29.70 -30.79 -14.65
C SER A 358 28.64 -31.82 -14.27
N LEU A 359 27.60 -31.40 -13.55
CA LEU A 359 26.76 -32.28 -12.73
C LEU A 359 25.49 -32.65 -13.51
N GLU A 360 25.57 -33.72 -14.32
CA GLU A 360 24.50 -34.13 -15.24
C GLU A 360 23.56 -35.10 -14.53
N GLN A 361 23.93 -35.58 -13.33
CA GLN A 361 23.10 -36.61 -12.61
C GLN A 361 21.75 -35.99 -12.27
N PRO A 362 20.66 -36.79 -12.23
CA PRO A 362 19.35 -36.26 -11.86
C PRO A 362 19.44 -35.62 -10.46
N PHE A 363 18.54 -34.66 -10.14
CA PHE A 363 18.44 -34.06 -8.79
C PHE A 363 17.58 -35.00 -7.96
N SER A 364 18.01 -35.18 -6.72
CA SER A 364 17.48 -36.19 -5.78
C SER A 364 17.71 -35.74 -4.34
N ILE A 365 16.85 -36.19 -3.44
CA ILE A 365 16.97 -35.97 -1.96
C ILE A 365 16.59 -37.28 -1.27
N GLU A 366 17.13 -37.50 -0.06
CA GLU A 366 16.58 -38.46 0.92
C GLU A 366 15.55 -37.75 1.81
N LEU A 367 14.33 -38.24 1.77
CA LEU A 367 13.30 -38.02 2.81
C LEU A 367 13.60 -38.95 4.00
N ILE A 368 14.06 -38.40 5.12
CA ILE A 368 14.41 -39.17 6.35
C ILE A 368 13.14 -39.48 7.17
N GLU A 369 12.50 -38.51 7.86
CA GLU A 369 11.41 -38.76 8.86
C GLU A 369 10.62 -37.47 9.25
N GLY A 370 9.45 -37.64 9.87
CA GLY A 370 8.53 -36.55 10.33
C GLY A 370 8.38 -36.43 11.86
N ARG A 371 7.39 -35.61 12.32
CA ARG A 371 7.08 -35.25 13.74
C ARG A 371 5.80 -34.39 13.88
N LYS A 372 4.63 -34.96 14.23
CA LYS A 372 3.29 -34.39 13.87
C LYS A 372 2.12 -35.31 14.29
N VAL A 373 0.86 -34.84 14.09
CA VAL A 373 -0.39 -35.45 14.67
C VAL A 373 -1.51 -35.44 13.62
N ASN A 374 -2.14 -36.61 13.31
CA ASN A 374 -3.38 -36.71 12.48
C ASN A 374 -4.12 -38.05 12.61
N ALA A 375 -5.22 -38.26 11.85
CA ALA A 375 -6.04 -39.50 11.76
C ALA A 375 -5.38 -40.53 10.84
N MET A 379 -5.40 -43.93 8.55
CA MET A 379 -4.90 -43.35 7.26
C MET A 379 -3.36 -43.42 7.20
N LYS A 380 -2.76 -42.92 6.11
CA LYS A 380 -1.29 -42.91 5.91
C LYS A 380 -0.80 -41.51 5.46
N LEU A 381 0.50 -41.26 5.64
CA LEU A 381 1.24 -40.00 5.33
C LEU A 381 2.01 -40.06 4.00
N VAL A 382 1.63 -39.20 3.05
CA VAL A 382 2.29 -38.99 1.73
C VAL A 382 3.00 -37.61 1.74
N VAL A 383 4.29 -37.59 1.41
CA VAL A 383 5.06 -36.34 1.12
C VAL A 383 5.15 -36.16 -0.40
N GLN A 384 4.37 -35.23 -0.93
CA GLN A 384 4.49 -34.72 -2.31
C GLN A 384 5.60 -33.66 -2.34
N ALA A 385 6.49 -33.76 -3.30
CA ALA A 385 7.61 -32.82 -3.51
C ALA A 385 7.57 -32.41 -4.98
N GLY A 386 7.92 -31.16 -5.26
CA GLY A 386 7.89 -30.54 -6.59
C GLY A 386 9.07 -29.60 -6.69
N LEU A 387 9.52 -29.30 -7.91
CA LEU A 387 10.59 -28.30 -8.17
C LEU A 387 9.95 -27.19 -8.99
N PHE A 388 10.08 -25.95 -8.52
CA PHE A 388 9.30 -24.80 -9.01
C PHE A 388 10.30 -23.69 -9.27
N HIS A 389 10.06 -22.98 -10.38
CA HIS A 389 10.58 -21.63 -10.70
C HIS A 389 9.39 -20.68 -10.72
N GLY A 390 9.18 -19.97 -9.61
CA GLY A 390 7.92 -19.25 -9.35
C GLY A 390 6.76 -20.22 -9.34
N ASN A 391 5.78 -19.99 -10.22
CA ASN A 391 4.51 -20.76 -10.30
C ASN A 391 4.76 -22.04 -11.09
N GLU A 392 5.81 -22.07 -11.93
CA GLU A 392 6.01 -23.08 -13.01
C GLU A 392 6.87 -24.25 -12.51
N MET A 393 6.37 -25.48 -12.66
CA MET A 393 7.14 -26.72 -12.34
C MET A 393 8.42 -26.77 -13.18
N LEU A 394 9.54 -27.21 -12.59
CA LEU A 394 10.81 -27.44 -13.32
C LEU A 394 10.87 -28.90 -13.80
N CYS A 395 9.85 -29.68 -13.43
CA CYS A 395 9.62 -31.10 -13.81
C CYS A 395 8.40 -31.60 -13.04
N LYS A 396 7.97 -32.82 -13.33
CA LYS A 396 6.80 -33.39 -12.63
C LYS A 396 7.14 -33.54 -11.13
N THR A 397 6.09 -33.56 -10.33
CA THR A 397 6.16 -33.79 -8.86
C THR A 397 6.44 -35.28 -8.66
N VAL A 398 7.10 -35.63 -7.55
CA VAL A 398 7.41 -37.03 -7.15
C VAL A 398 6.80 -37.23 -5.77
N SER A 399 6.02 -38.30 -5.58
CA SER A 399 5.44 -38.70 -4.27
C SER A 399 6.41 -39.58 -3.46
N SER A 400 6.28 -39.50 -2.15
CA SER A 400 6.87 -40.43 -1.15
C SER A 400 5.92 -41.63 -1.03
N SER A 401 6.43 -42.79 -0.58
CA SER A 401 5.60 -43.99 -0.30
C SER A 401 4.55 -43.66 0.77
N GLU A 402 3.41 -44.37 0.75
CA GLU A 402 2.37 -44.33 1.80
C GLU A 402 2.81 -45.12 3.04
N VAL A 403 3.08 -44.42 4.14
CA VAL A 403 3.53 -44.94 5.47
C VAL A 403 2.40 -44.67 6.48
N ASN A 404 2.25 -45.52 7.51
CA ASN A 404 1.22 -45.41 8.59
C ASN A 404 1.45 -44.13 9.42
N VAL A 405 0.36 -43.45 9.81
CA VAL A 405 0.34 -42.19 10.64
C VAL A 405 1.16 -42.35 11.93
N CYS A 406 1.24 -43.55 12.49
CA CYS A 406 2.10 -43.88 13.66
C CYS A 406 3.37 -43.01 13.65
N SER A 407 3.56 -42.20 14.70
CA SER A 407 4.77 -41.37 14.96
C SER A 407 4.48 -39.96 14.43
N GLU A 408 5.45 -39.11 14.04
CA GLU A 408 6.90 -39.29 13.94
C GLU A 408 7.35 -40.29 12.86
N PRO A 409 6.82 -40.22 11.61
CA PRO A 409 7.05 -41.27 10.61
C PRO A 409 8.47 -41.41 10.05
N VAL A 410 8.77 -42.55 9.42
CA VAL A 410 10.10 -42.83 8.78
C VAL A 410 9.87 -43.28 7.32
N TRP A 411 10.67 -42.74 6.39
CA TRP A 411 10.70 -43.08 4.94
C TRP A 411 12.07 -43.62 4.50
N LYS A 412 13.16 -42.96 4.93
CA LYS A 412 14.58 -43.15 4.51
C LYS A 412 14.68 -43.65 3.06
N GLN A 413 13.97 -43.01 2.12
CA GLN A 413 14.00 -43.29 0.65
C GLN A 413 14.51 -42.06 -0.12
N ARG A 414 15.33 -42.26 -1.16
CA ARG A 414 15.67 -41.22 -2.17
C ARG A 414 14.36 -40.85 -2.87
N LEU A 415 14.15 -39.56 -3.13
CA LEU A 415 13.19 -39.03 -4.12
C LEU A 415 14.01 -38.39 -5.24
N GLU A 416 13.69 -38.76 -6.49
CA GLU A 416 14.53 -38.46 -7.69
C GLU A 416 13.66 -37.75 -8.73
N PHE A 417 14.16 -36.61 -9.20
CA PHE A 417 13.38 -35.71 -10.09
C PHE A 417 13.92 -35.82 -11.51
N ASP A 418 12.98 -35.69 -12.45
CA ASP A 418 13.18 -35.69 -13.91
C ASP A 418 13.69 -34.31 -14.33
N ILE A 419 14.83 -33.89 -13.78
CA ILE A 419 15.61 -32.69 -14.22
C ILE A 419 17.04 -32.94 -13.77
N SER A 420 18.04 -32.45 -14.49
CA SER A 420 19.46 -32.60 -14.13
C SER A 420 19.87 -31.48 -13.17
N VAL A 421 21.00 -31.66 -12.48
CA VAL A 421 21.51 -30.76 -11.41
C VAL A 421 22.14 -29.53 -12.08
N CYS A 422 22.90 -29.72 -13.17
CA CYS A 422 23.47 -28.65 -14.03
C CYS A 422 22.37 -27.63 -14.41
N ASP A 423 21.11 -28.06 -14.53
CA ASP A 423 19.97 -27.30 -15.10
C ASP A 423 19.11 -26.64 -14.02
N LEU A 424 19.48 -26.71 -12.73
CA LEU A 424 18.70 -26.05 -11.65
C LEU A 424 18.89 -24.55 -11.81
N PRO A 425 17.82 -23.79 -12.11
CA PRO A 425 17.96 -22.34 -12.14
C PRO A 425 18.25 -21.86 -10.72
N ARG A 426 18.97 -20.73 -10.61
CA ARG A 426 19.47 -20.11 -9.36
C ARG A 426 18.35 -19.96 -8.31
N MET A 427 17.16 -19.54 -8.72
CA MET A 427 16.00 -19.28 -7.82
C MET A 427 15.08 -20.50 -7.74
N ALA A 428 15.65 -21.69 -7.87
CA ALA A 428 14.87 -22.96 -7.85
C ALA A 428 14.42 -23.22 -6.41
N ARG A 429 13.20 -23.75 -6.29
CA ARG A 429 12.42 -23.84 -5.04
C ARG A 429 11.97 -25.29 -4.90
N LEU A 430 12.42 -25.99 -3.85
CA LEU A 430 11.93 -27.36 -3.52
C LEU A 430 10.77 -27.21 -2.53
N CYS A 431 9.60 -27.74 -2.85
CA CYS A 431 8.30 -27.47 -2.16
C CYS A 431 7.61 -28.77 -1.75
N PHE A 432 7.36 -28.94 -0.45
CA PHE A 432 6.76 -30.16 0.16
C PHE A 432 5.34 -29.91 0.64
N ALA A 433 4.48 -30.92 0.54
CA ALA A 433 3.12 -30.95 1.11
C ALA A 433 2.84 -32.32 1.76
N LEU A 434 2.85 -32.37 3.09
CA LEU A 434 2.46 -33.54 3.93
C LEU A 434 0.94 -33.59 4.00
N TYR A 435 0.34 -34.71 3.61
CA TYR A 435 -1.13 -34.92 3.66
C TYR A 435 -1.39 -36.37 4.05
N ALA A 436 -2.67 -36.71 4.25
CA ALA A 436 -3.12 -38.06 4.70
C ALA A 436 -4.23 -38.51 3.77
N VAL A 437 -4.28 -39.81 3.49
CA VAL A 437 -5.16 -40.38 2.45
C VAL A 437 -5.72 -41.72 2.93
N VAL A 438 -6.73 -42.23 2.23
CA VAL A 438 -7.40 -43.55 2.44
C VAL A 438 -6.77 -44.58 1.50
N ASP A 455 -9.27 -35.52 0.09
CA ASP A 455 -8.00 -35.69 0.84
C ASP A 455 -8.01 -34.84 2.11
N CYS A 456 -6.94 -34.95 2.91
CA CYS A 456 -6.69 -34.20 4.16
C CYS A 456 -5.29 -33.57 4.12
N PRO A 457 -5.18 -32.26 3.81
CA PRO A 457 -3.89 -31.56 3.82
C PRO A 457 -3.54 -31.29 5.28
N ILE A 458 -2.25 -31.22 5.57
CA ILE A 458 -1.70 -31.11 6.96
C ILE A 458 -0.76 -29.90 7.00
N ALA A 459 0.40 -29.98 6.36
CA ALA A 459 1.45 -28.95 6.43
C ALA A 459 2.16 -28.82 5.08
N TRP A 460 2.82 -27.71 4.88
CA TRP A 460 3.66 -27.48 3.69
C TRP A 460 4.98 -26.88 4.15
N ALA A 461 6.00 -26.89 3.31
CA ALA A 461 7.28 -26.20 3.59
C ALA A 461 8.04 -26.04 2.29
N ASN A 462 8.94 -25.05 2.21
CA ASN A 462 9.70 -24.78 0.96
C ASN A 462 11.12 -24.42 1.31
N LEU A 463 12.10 -24.61 0.41
CA LEU A 463 13.41 -23.93 0.54
C LEU A 463 14.09 -23.78 -0.83
N MET A 464 15.00 -22.81 -0.89
CA MET A 464 15.88 -22.46 -2.03
C MET A 464 17.01 -23.50 -2.11
N LEU A 465 17.15 -24.19 -3.24
CA LEU A 465 18.18 -25.25 -3.41
C LEU A 465 19.58 -24.62 -3.38
N PHE A 466 19.70 -23.31 -3.69
CA PHE A 466 20.93 -22.52 -3.39
C PHE A 466 20.70 -21.61 -2.17
N ASP A 467 21.75 -21.30 -1.45
CA ASP A 467 21.69 -20.43 -0.26
C ASP A 467 21.98 -18.98 -0.70
N TYR A 468 22.11 -18.07 0.26
CA TYR A 468 22.21 -16.61 -0.04
C TYR A 468 23.56 -16.25 -0.66
N LYS A 469 24.60 -17.07 -0.47
CA LYS A 469 25.98 -16.86 -1.00
C LYS A 469 26.14 -17.60 -2.34
N ASP A 470 25.08 -18.21 -2.82
CA ASP A 470 24.95 -18.80 -4.18
C ASP A 470 25.41 -20.26 -4.12
N GLN A 471 25.79 -20.78 -2.94
CA GLN A 471 26.31 -22.16 -2.83
C GLN A 471 25.15 -23.15 -2.97
N LEU A 472 25.36 -24.23 -3.74
CA LEU A 472 24.41 -25.37 -3.76
C LEU A 472 24.42 -25.96 -2.36
N LYS A 473 23.30 -26.59 -1.98
CA LYS A 473 22.98 -26.88 -0.57
C LYS A 473 23.25 -28.34 -0.29
N THR A 474 24.00 -28.61 0.77
CA THR A 474 24.14 -29.94 1.42
C THR A 474 24.32 -29.74 2.92
N GLY A 475 23.91 -30.74 3.71
CA GLY A 475 23.34 -31.98 3.24
C GLY A 475 22.06 -32.35 3.96
N GLU A 476 22.05 -32.30 5.30
CA GLU A 476 20.81 -32.55 6.11
C GLU A 476 20.11 -31.23 6.47
N ARG A 477 18.77 -31.24 6.40
CA ARG A 477 17.87 -30.11 6.72
C ARG A 477 16.64 -30.63 7.50
N CYS A 478 16.36 -29.96 8.62
CA CYS A 478 15.08 -30.03 9.37
C CYS A 478 14.17 -28.86 8.95
N LEU A 479 12.97 -29.18 8.46
CA LEU A 479 11.99 -28.23 7.87
C LEU A 479 10.76 -28.12 8.79
N TYR A 480 10.71 -27.04 9.58
CA TYR A 480 9.58 -26.73 10.49
C TYR A 480 8.43 -26.22 9.64
N MET A 481 7.38 -27.03 9.52
CA MET A 481 6.37 -26.87 8.46
C MET A 481 5.30 -25.88 8.92
N TRP A 482 4.51 -25.40 7.95
CA TRP A 482 3.38 -24.46 8.15
C TRP A 482 2.09 -25.23 7.95
N PRO A 483 1.03 -24.94 8.73
CA PRO A 483 -0.27 -25.59 8.54
C PRO A 483 -0.90 -25.23 7.19
N SER A 484 -2.05 -25.84 6.86
CA SER A 484 -2.72 -25.77 5.53
C SER A 484 -4.21 -25.42 5.68
N VAL A 485 -4.86 -24.99 4.59
CA VAL A 485 -6.27 -24.49 4.53
C VAL A 485 -7.21 -25.57 5.07
N LEU A 492 -2.24 -28.49 -3.26
CA LEU A 492 -1.65 -28.99 -1.98
C LEU A 492 -0.29 -28.33 -1.80
N LEU A 493 0.55 -28.36 -2.84
CA LEU A 493 1.89 -27.69 -2.87
C LEU A 493 1.72 -26.17 -2.97
N ASN A 494 2.72 -25.42 -2.48
CA ASN A 494 2.62 -23.96 -2.24
C ASN A 494 3.93 -23.28 -2.62
N PRO A 495 4.21 -23.14 -3.94
CA PRO A 495 5.47 -22.54 -4.38
C PRO A 495 5.60 -21.09 -3.90
N ALA A 496 4.46 -20.37 -3.86
CA ALA A 496 4.38 -18.94 -3.46
C ALA A 496 4.61 -18.76 -1.94
N GLY A 497 4.47 -19.81 -1.12
CA GLY A 497 4.76 -19.80 0.33
C GLY A 497 6.20 -19.42 0.64
N THR A 498 6.44 -18.83 1.82
CA THR A 498 7.78 -18.36 2.24
C THR A 498 8.74 -19.56 2.28
N VAL A 499 10.03 -19.30 2.11
CA VAL A 499 11.08 -20.34 2.05
C VAL A 499 11.83 -20.32 3.39
N ARG A 500 11.21 -19.75 4.42
CA ARG A 500 11.72 -19.81 5.82
C ARG A 500 10.77 -20.65 6.66
N GLY A 501 11.36 -21.43 7.55
CA GLY A 501 10.66 -22.44 8.35
C GLY A 501 9.88 -21.76 9.45
N ASN A 502 8.79 -22.41 9.86
CA ASN A 502 7.88 -22.02 10.95
C ASN A 502 8.74 -21.71 12.18
N PRO A 503 8.64 -20.50 12.80
CA PRO A 503 9.41 -20.17 13.99
C PRO A 503 8.87 -20.90 15.24
N ASN A 504 7.63 -21.41 15.18
CA ASN A 504 7.03 -22.17 16.30
C ASN A 504 7.56 -23.62 16.29
N THR A 505 8.81 -23.80 16.70
CA THR A 505 9.51 -25.10 16.64
C THR A 505 8.91 -26.09 17.66
N GLU A 506 8.06 -25.65 18.59
CA GLU A 506 7.48 -26.53 19.65
C GLU A 506 6.26 -27.33 19.16
N SER A 507 5.36 -26.70 18.40
CA SER A 507 4.10 -27.31 17.89
C SER A 507 4.20 -27.60 16.38
N ALA A 508 5.28 -27.19 15.69
CA ALA A 508 5.42 -27.35 14.22
C ALA A 508 5.75 -28.80 13.86
N ALA A 509 4.88 -29.45 13.08
CA ALA A 509 5.25 -30.60 12.23
C ALA A 509 6.58 -30.26 11.56
N ALA A 510 7.49 -31.24 11.45
CA ALA A 510 8.88 -31.06 10.96
C ALA A 510 9.21 -32.22 10.04
N LEU A 511 9.82 -31.93 8.87
CA LEU A 511 10.30 -32.95 7.90
C LEU A 511 11.82 -32.86 7.95
N VAL A 512 12.50 -34.00 8.03
CA VAL A 512 13.98 -34.04 7.91
C VAL A 512 14.27 -34.67 6.54
N ILE A 513 15.29 -34.15 5.86
CA ILE A 513 15.62 -34.47 4.44
C ILE A 513 17.15 -34.42 4.35
N TYR A 514 17.72 -35.15 3.37
CA TYR A 514 19.17 -35.11 3.03
C TYR A 514 19.34 -34.62 1.59
N LEU A 515 20.07 -33.51 1.43
CA LEU A 515 20.58 -32.98 0.13
C LEU A 515 21.94 -33.61 -0.13
N PRO A 516 22.08 -34.42 -1.19
CA PRO A 516 23.30 -35.21 -1.40
C PRO A 516 24.52 -34.33 -1.69
N GLU A 517 25.69 -34.70 -1.17
CA GLU A 517 27.00 -34.09 -1.49
C GLU A 517 27.41 -34.50 -2.92
N VAL A 518 27.82 -33.52 -3.73
CA VAL A 518 28.26 -33.68 -5.15
C VAL A 518 29.72 -33.15 -5.27
N ALA A 519 30.48 -33.16 -4.16
CA ALA A 519 31.82 -32.53 -4.01
C ALA A 519 32.90 -33.37 -4.70
N PRO A 522 32.12 -28.14 -2.58
CA PRO A 522 31.41 -26.84 -2.50
C PRO A 522 31.13 -26.30 -3.91
N VAL A 523 29.86 -26.20 -4.32
CA VAL A 523 29.47 -25.84 -5.72
C VAL A 523 28.53 -24.60 -5.71
N TYR A 524 29.06 -23.49 -6.25
CA TYR A 524 28.44 -22.15 -6.37
C TYR A 524 27.79 -21.99 -7.75
N PHE A 525 26.67 -21.27 -7.85
CA PHE A 525 26.03 -20.94 -9.15
C PHE A 525 27.03 -20.09 -9.94
N PRO A 526 27.20 -20.35 -11.24
CA PRO A 526 28.19 -19.62 -12.03
C PRO A 526 28.04 -18.09 -11.96
N ALA A 527 29.13 -17.33 -11.79
CA ALA A 527 29.18 -15.85 -11.86
C ALA A 527 28.56 -15.38 -13.18
N LEU A 528 28.14 -14.11 -13.22
CA LEU A 528 27.51 -13.51 -14.43
C LEU A 528 28.44 -13.71 -15.65
N GLU A 529 29.76 -13.39 -15.54
CA GLU A 529 30.78 -13.48 -16.64
C GLU A 529 30.73 -14.86 -17.32
N LYS A 530 30.64 -15.94 -16.54
CA LYS A 530 30.48 -17.31 -17.07
C LYS A 530 29.09 -17.42 -17.70
N ILE A 531 28.05 -16.88 -17.06
CA ILE A 531 26.66 -16.96 -17.65
C ILE A 531 26.72 -16.23 -18.98
N LEU A 532 27.37 -15.06 -19.03
CA LEU A 532 27.39 -14.19 -20.24
C LEU A 532 28.22 -14.84 -21.35
N GLU A 533 29.26 -15.62 -21.00
CA GLU A 533 30.17 -16.31 -21.96
C GLU A 533 29.42 -17.44 -22.67
N LEU A 534 28.56 -18.22 -21.99
CA LEU A 534 27.79 -19.35 -22.57
C LEU A 534 26.79 -18.88 -23.64
N ILE A 543 26.58 -17.59 -23.84
CA ILE A 543 25.47 -17.11 -24.72
C ILE A 543 25.96 -16.30 -25.90
N THR A 544 26.81 -15.30 -25.66
CA THR A 544 27.45 -14.53 -26.75
C THR A 544 27.17 -15.33 -28.04
N GLU A 545 27.28 -16.68 -27.97
CA GLU A 545 26.88 -17.68 -29.00
C GLU A 545 25.67 -18.49 -28.50
N GLU A 546 8.56 -10.68 -39.37
CA GLU A 546 7.34 -11.53 -39.48
C GLU A 546 6.13 -10.79 -38.88
N GLU A 547 5.00 -10.82 -39.59
CA GLU A 547 3.71 -10.28 -39.12
C GLU A 547 3.14 -11.15 -37.99
N LEU A 551 3.24 -12.48 -38.09
CA LEU A 551 2.72 -13.45 -37.07
C LEU A 551 3.25 -13.10 -35.67
N ARG A 552 4.52 -12.74 -35.55
CA ARG A 552 5.22 -12.31 -34.31
C ARG A 552 4.52 -11.11 -33.66
N GLU A 553 4.11 -10.12 -34.47
CA GLU A 553 3.33 -8.95 -34.01
C GLU A 553 1.92 -9.38 -33.57
N ILE A 554 1.21 -10.26 -34.32
CA ILE A 554 -0.24 -10.60 -34.07
C ILE A 554 -0.37 -11.51 -32.84
N LEU A 555 0.67 -11.53 -32.00
CA LEU A 555 0.71 -12.23 -30.68
C LEU A 555 1.45 -11.41 -29.62
N GLU A 556 1.99 -10.23 -29.92
CA GLU A 556 2.45 -9.28 -28.87
C GLU A 556 1.47 -8.09 -28.81
N ARG A 557 0.26 -8.37 -28.30
CA ARG A 557 -0.81 -7.40 -27.92
C ARG A 557 -1.94 -8.14 -27.19
N GLU A 562 -1.51 -16.35 -22.52
CA GLU A 562 -1.49 -17.80 -22.87
C GLU A 562 -1.30 -17.93 -24.38
N LEU A 563 -0.28 -18.67 -24.83
CA LEU A 563 0.02 -18.84 -26.30
C LEU A 563 0.48 -20.28 -26.61
N TYR A 564 -0.07 -20.84 -27.69
CA TYR A 564 0.18 -22.22 -28.19
C TYR A 564 1.69 -22.43 -28.31
N GLU A 565 2.09 -23.69 -28.32
CA GLU A 565 3.51 -24.11 -28.26
C GLU A 565 4.23 -23.63 -29.53
N HIS A 566 3.55 -23.59 -30.69
CA HIS A 566 4.14 -23.06 -31.95
C HIS A 566 4.41 -21.57 -31.78
N GLU A 567 3.44 -20.81 -31.26
CA GLU A 567 3.61 -19.33 -31.03
C GLU A 567 4.78 -19.11 -30.07
N LYS A 568 4.95 -19.97 -29.06
CA LYS A 568 6.05 -19.88 -28.08
C LYS A 568 7.39 -20.14 -28.76
N ASP A 569 7.48 -21.14 -29.65
CA ASP A 569 8.77 -21.43 -30.35
C ASP A 569 9.14 -20.20 -31.21
N LEU A 570 8.14 -19.59 -31.89
CA LEU A 570 8.31 -18.36 -32.72
C LEU A 570 8.97 -17.27 -31.87
N VAL A 571 8.35 -16.93 -30.74
CA VAL A 571 8.84 -15.89 -29.79
C VAL A 571 10.30 -16.21 -29.44
N TRP A 572 10.60 -17.44 -29.03
CA TRP A 572 11.97 -17.83 -28.56
C TRP A 572 12.96 -17.77 -29.74
N LYS A 573 12.56 -18.26 -30.92
CA LYS A 573 13.36 -18.23 -32.17
C LYS A 573 13.81 -16.77 -32.43
N MET A 574 12.84 -15.85 -32.44
CA MET A 574 13.08 -14.43 -32.79
C MET A 574 13.42 -13.58 -31.55
N ARG A 575 14.00 -14.14 -30.49
CA ARG A 575 14.25 -13.39 -29.22
C ARG A 575 15.12 -12.15 -29.48
N HIS A 576 16.00 -12.19 -30.46
CA HIS A 576 16.91 -11.04 -30.74
C HIS A 576 16.05 -9.87 -31.21
N GLU A 577 15.07 -10.17 -32.06
CA GLU A 577 14.18 -9.14 -32.65
C GLU A 577 13.30 -8.56 -31.54
N VAL A 578 12.89 -9.39 -30.56
CA VAL A 578 12.14 -8.90 -29.36
C VAL A 578 12.98 -7.79 -28.73
N GLN A 579 14.22 -8.10 -28.34
CA GLN A 579 15.19 -7.14 -27.74
C GLN A 579 15.35 -5.90 -28.64
N GLU A 580 15.36 -6.09 -29.96
CA GLU A 580 15.79 -5.02 -30.90
C GLU A 580 14.62 -4.09 -31.19
N HIS A 581 13.41 -4.62 -31.40
CA HIS A 581 12.27 -3.83 -31.93
C HIS A 581 11.01 -3.97 -31.07
N PHE A 582 11.02 -4.77 -29.99
CA PHE A 582 9.85 -4.93 -29.08
C PHE A 582 10.31 -5.11 -27.63
N PRO A 583 11.19 -4.24 -27.11
CA PRO A 583 11.71 -4.39 -25.74
C PRO A 583 10.60 -4.50 -24.67
N GLU A 584 9.42 -3.89 -24.89
CA GLU A 584 8.32 -3.87 -23.90
C GLU A 584 7.62 -5.23 -23.83
N ALA A 585 8.01 -6.20 -24.66
CA ALA A 585 7.45 -7.57 -24.68
C ALA A 585 8.40 -8.54 -23.96
N LEU A 586 9.45 -8.02 -23.31
CA LEU A 586 10.36 -8.81 -22.46
C LEU A 586 9.59 -9.82 -21.61
N ALA A 587 8.52 -9.40 -20.96
CA ALA A 587 7.73 -10.26 -20.05
C ALA A 587 7.33 -11.53 -20.79
N ARG A 588 6.74 -11.39 -21.98
CA ARG A 588 6.22 -12.53 -22.76
C ARG A 588 7.40 -13.42 -23.19
N LEU A 589 8.56 -12.82 -23.43
CA LEU A 589 9.79 -13.54 -23.81
C LEU A 589 10.24 -14.38 -22.60
N LEU A 590 10.30 -13.77 -21.42
CA LEU A 590 10.64 -14.50 -20.15
C LEU A 590 9.70 -15.69 -19.90
N LEU A 591 8.41 -15.59 -20.21
CA LEU A 591 7.40 -16.68 -19.98
C LEU A 591 7.49 -17.78 -21.05
N VAL A 592 8.24 -17.61 -22.16
CA VAL A 592 8.44 -18.71 -23.16
C VAL A 592 9.79 -19.39 -22.90
N THR A 593 10.77 -18.72 -22.30
CA THR A 593 12.09 -19.32 -22.02
C THR A 593 11.88 -20.56 -21.14
N LYS A 594 12.72 -21.58 -21.34
CA LYS A 594 12.72 -22.88 -20.63
C LYS A 594 13.68 -22.73 -19.44
N TRP A 595 13.15 -22.44 -18.24
CA TRP A 595 14.00 -22.14 -17.05
C TRP A 595 14.62 -23.44 -16.51
N ASN A 596 14.17 -24.59 -17.00
CA ASN A 596 14.66 -25.95 -16.61
C ASN A 596 15.71 -26.48 -17.60
N LYS A 597 16.34 -25.59 -18.38
CA LYS A 597 17.41 -25.91 -19.37
C LYS A 597 18.43 -24.78 -19.32
N HIS A 598 19.56 -24.96 -18.65
CA HIS A 598 20.51 -23.87 -18.28
C HIS A 598 20.97 -23.10 -19.54
N GLU A 599 20.96 -23.76 -20.70
CA GLU A 599 21.55 -23.20 -21.94
C GLU A 599 20.65 -22.05 -22.38
N ASP A 600 19.35 -22.36 -22.52
CA ASP A 600 18.25 -21.40 -22.76
C ASP A 600 18.32 -20.23 -21.75
N VAL A 601 18.49 -20.53 -20.46
CA VAL A 601 18.46 -19.48 -19.39
C VAL A 601 19.54 -18.44 -19.72
N ALA A 602 20.81 -18.85 -19.82
CA ALA A 602 21.95 -17.97 -20.22
C ALA A 602 21.62 -17.28 -21.56
N GLN A 603 20.95 -17.96 -22.51
CA GLN A 603 20.55 -17.30 -23.78
C GLN A 603 19.66 -16.09 -23.46
N MET A 604 18.81 -16.21 -22.43
CA MET A 604 17.88 -15.12 -21.99
C MET A 604 18.68 -14.03 -21.26
N LEU A 605 19.56 -14.40 -20.33
CA LEU A 605 20.33 -13.43 -19.50
C LEU A 605 21.31 -12.62 -20.36
N TYR A 606 21.81 -13.16 -21.49
CA TYR A 606 22.69 -12.43 -22.45
C TYR A 606 21.91 -11.22 -22.96
N LEU A 607 20.70 -11.46 -23.45
CA LEU A 607 19.73 -10.42 -23.88
C LEU A 607 19.41 -9.51 -22.67
N LEU A 608 18.99 -10.12 -21.56
CA LEU A 608 18.50 -9.35 -20.39
C LEU A 608 19.49 -8.26 -20.04
N CYS A 609 20.79 -8.55 -20.04
CA CYS A 609 21.86 -7.70 -19.45
C CYS A 609 22.24 -6.52 -20.36
N SER A 610 21.78 -6.50 -21.61
CA SER A 610 21.92 -5.35 -22.54
C SER A 610 20.53 -4.77 -22.87
N TRP A 611 19.49 -5.23 -22.17
CA TRP A 611 18.08 -4.91 -22.51
C TRP A 611 17.83 -3.46 -22.07
N PRO A 612 17.21 -2.60 -22.91
CA PRO A 612 16.92 -1.23 -22.47
C PRO A 612 15.93 -1.24 -21.28
N GLU A 613 16.09 -0.24 -20.43
CA GLU A 613 15.13 0.10 -19.35
C GLU A 613 13.73 0.25 -19.96
N LEU A 614 12.73 -0.19 -19.20
CA LEU A 614 11.30 -0.18 -19.62
C LEU A 614 10.55 0.86 -18.80
N PRO A 615 9.36 1.26 -19.29
CA PRO A 615 8.46 2.09 -18.49
C PRO A 615 8.20 1.48 -17.10
N VAL A 616 7.87 2.33 -16.12
CA VAL A 616 7.44 1.93 -14.75
C VAL A 616 6.32 0.88 -14.84
N LEU A 617 5.37 1.08 -15.76
CA LEU A 617 4.24 0.13 -15.88
C LEU A 617 4.76 -1.28 -16.18
N SER A 618 5.82 -1.38 -16.97
CA SER A 618 6.41 -2.64 -17.46
C SER A 618 7.16 -3.32 -16.31
N ALA A 619 7.95 -2.55 -15.58
CA ALA A 619 8.67 -2.96 -14.35
C ALA A 619 7.73 -3.58 -13.32
N LEU A 620 6.56 -2.97 -13.07
CA LEU A 620 5.62 -3.41 -12.01
C LEU A 620 5.13 -4.81 -12.35
N GLU A 621 4.90 -5.08 -13.64
CA GLU A 621 4.57 -6.45 -14.13
C GLU A 621 5.72 -7.41 -13.76
N LEU A 622 7.00 -7.05 -13.96
CA LEU A 622 8.21 -7.93 -13.73
C LEU A 622 8.48 -8.20 -12.24
N LEU A 623 7.84 -7.49 -11.30
CA LEU A 623 7.96 -7.69 -9.83
C LEU A 623 7.10 -8.88 -9.39
N ASP A 624 6.22 -9.34 -10.25
CA ASP A 624 5.29 -10.42 -9.89
C ASP A 624 6.06 -11.75 -9.72
N PHE A 625 5.45 -12.72 -9.01
CA PHE A 625 6.08 -14.03 -8.66
C PHE A 625 6.35 -14.86 -9.93
N SER A 626 5.51 -14.71 -10.98
CA SER A 626 5.68 -15.21 -12.38
C SER A 626 7.07 -14.95 -12.98
N PHE A 627 7.86 -14.03 -12.40
CA PHE A 627 9.23 -13.69 -12.86
C PHE A 627 10.17 -13.89 -11.69
N PRO A 628 10.35 -15.14 -11.23
CA PRO A 628 11.15 -15.41 -10.03
C PRO A 628 12.66 -15.22 -10.17
N ASP A 629 13.23 -15.20 -11.37
CA ASP A 629 14.72 -15.10 -11.53
C ASP A 629 15.25 -13.79 -10.92
N CYS A 630 16.43 -13.81 -10.33
CA CYS A 630 17.03 -12.69 -9.57
C CYS A 630 17.61 -11.60 -10.50
N TYR A 631 18.04 -11.96 -11.72
CA TYR A 631 18.53 -10.94 -12.69
C TYR A 631 17.32 -10.10 -13.16
N VAL A 632 16.19 -10.76 -13.39
CA VAL A 632 14.90 -10.14 -13.76
C VAL A 632 14.47 -9.21 -12.62
N GLY A 633 14.57 -9.67 -11.38
CA GLY A 633 14.24 -8.88 -10.18
C GLY A 633 15.07 -7.63 -10.18
N SER A 634 16.38 -7.78 -10.27
CA SER A 634 17.31 -6.64 -10.28
C SER A 634 17.02 -5.71 -11.48
N PHE A 635 16.63 -6.26 -12.64
CA PHE A 635 16.30 -5.45 -13.85
C PHE A 635 15.05 -4.60 -13.54
N ALA A 636 14.06 -5.22 -12.92
CA ALA A 636 12.79 -4.55 -12.58
C ALA A 636 13.10 -3.36 -11.66
N ILE A 637 13.93 -3.55 -10.63
CA ILE A 637 14.23 -2.45 -9.66
C ILE A 637 14.99 -1.33 -10.39
N LYS A 638 15.85 -1.66 -11.35
CA LYS A 638 16.64 -0.63 -12.06
C LYS A 638 15.66 0.19 -12.91
N SER A 639 14.64 -0.42 -13.49
CA SER A 639 13.62 0.29 -14.29
C SER A 639 12.68 1.11 -13.38
N LEU A 640 12.54 0.75 -12.10
CA LEU A 640 11.61 1.40 -11.15
C LEU A 640 12.31 2.55 -10.46
N ARG A 641 13.61 2.75 -10.71
CA ARG A 641 14.38 3.80 -10.00
C ARG A 641 13.86 5.17 -10.43
N LYS A 642 13.16 5.23 -11.56
CA LYS A 642 12.63 6.49 -12.13
C LYS A 642 11.20 6.75 -11.61
N LEU A 643 10.61 5.85 -10.79
CA LEU A 643 9.44 6.17 -9.95
C LEU A 643 9.65 7.52 -9.27
N THR A 644 8.66 8.43 -9.31
CA THR A 644 8.69 9.65 -8.47
C THR A 644 8.41 9.22 -7.04
N ASP A 645 8.70 10.06 -6.05
CA ASP A 645 8.27 9.81 -4.66
C ASP A 645 6.74 9.67 -4.59
N ASP A 646 5.95 10.45 -5.34
CA ASP A 646 4.46 10.38 -5.30
C ASP A 646 4.00 9.02 -5.85
N GLU A 647 4.60 8.60 -6.97
CA GLU A 647 4.32 7.27 -7.55
C GLU A 647 4.66 6.15 -6.55
N LEU A 648 5.84 6.21 -5.94
CA LEU A 648 6.29 5.22 -4.93
C LEU A 648 5.30 5.17 -3.78
N PHE A 649 4.89 6.34 -3.27
CA PHE A 649 3.82 6.44 -2.25
C PHE A 649 2.57 5.71 -2.73
N GLN A 650 2.10 6.02 -3.94
CA GLN A 650 0.87 5.42 -4.52
C GLN A 650 0.97 3.88 -4.55
N TYR A 651 2.16 3.34 -4.84
CA TYR A 651 2.32 1.87 -5.05
C TYR A 651 3.01 1.24 -3.83
N LEU A 652 3.20 1.97 -2.74
CA LEU A 652 3.99 1.46 -1.59
C LEU A 652 3.32 0.23 -1.00
N LEU A 653 1.99 0.16 -0.93
CA LEU A 653 1.32 -1.02 -0.31
C LEU A 653 1.77 -2.26 -1.09
N GLN A 654 1.69 -2.22 -2.42
CA GLN A 654 1.96 -3.42 -3.25
C GLN A 654 3.43 -3.83 -3.13
N LEU A 655 4.34 -2.87 -3.16
CA LEU A 655 5.80 -3.08 -3.10
C LEU A 655 6.20 -3.74 -1.78
N VAL A 656 5.51 -3.42 -0.69
CA VAL A 656 5.76 -4.06 0.64
C VAL A 656 5.28 -5.50 0.55
N GLN A 657 4.11 -5.74 -0.02
CA GLN A 657 3.53 -7.10 -0.04
C GLN A 657 4.37 -7.96 -0.99
N VAL A 658 5.04 -7.35 -1.98
CA VAL A 658 5.96 -8.06 -2.91
C VAL A 658 7.06 -8.75 -2.12
N LEU A 659 7.59 -8.11 -1.06
CA LEU A 659 8.65 -8.67 -0.21
C LEU A 659 8.30 -10.08 0.31
N LYS A 660 7.03 -10.50 0.36
CA LYS A 660 6.59 -11.81 0.88
C LYS A 660 6.91 -12.94 -0.11
N TYR A 661 7.18 -12.59 -1.35
CA TYR A 661 7.64 -13.46 -2.46
C TYR A 661 9.18 -13.54 -2.48
N GLU A 662 9.88 -12.69 -1.74
CA GLU A 662 11.35 -12.63 -1.88
C GLU A 662 11.90 -13.93 -1.31
N SER A 663 13.07 -14.36 -1.79
CA SER A 663 13.64 -15.69 -1.47
C SER A 663 14.69 -15.54 -0.37
N TYR A 664 15.44 -14.44 -0.36
CA TYR A 664 16.56 -14.11 0.58
C TYR A 664 16.22 -12.77 1.26
N LEU A 665 16.86 -12.50 2.39
CA LEU A 665 16.75 -11.23 3.16
C LEU A 665 17.39 -10.08 2.38
N ASP A 666 18.71 -10.11 2.10
CA ASP A 666 19.43 -9.04 1.35
C ASP A 666 18.97 -9.18 -0.10
N CYS A 667 18.21 -8.21 -0.62
CA CYS A 667 17.57 -8.27 -1.95
C CYS A 667 17.39 -6.84 -2.49
N GLU A 668 17.34 -6.71 -3.81
CA GLU A 668 17.44 -5.39 -4.49
C GLU A 668 16.24 -4.54 -4.07
N LEU A 669 15.08 -5.17 -3.78
CA LEU A 669 13.82 -4.43 -3.49
C LEU A 669 13.94 -3.80 -2.10
N THR A 670 14.45 -4.54 -1.12
CA THR A 670 14.64 -4.04 0.26
C THR A 670 15.61 -2.86 0.23
N LYS A 671 16.72 -2.98 -0.50
CA LYS A 671 17.72 -1.88 -0.62
C LYS A 671 17.03 -0.65 -1.22
N PHE A 672 16.23 -0.85 -2.27
CA PHE A 672 15.52 0.25 -2.98
C PHE A 672 14.58 0.93 -1.99
N LEU A 673 13.63 0.19 -1.43
CA LEU A 673 12.65 0.72 -0.43
C LEU A 673 13.38 1.47 0.69
N LEU A 674 14.42 0.89 1.28
CA LEU A 674 15.21 1.49 2.40
C LEU A 674 15.86 2.79 1.94
N GLY A 675 16.54 2.76 0.79
CA GLY A 675 17.14 3.95 0.18
C GLY A 675 16.11 5.05 -0.10
N ARG A 676 14.95 4.72 -0.66
CA ARG A 676 13.91 5.78 -0.90
C ARG A 676 13.38 6.30 0.45
N ALA A 677 13.26 5.42 1.45
CA ALA A 677 12.76 5.73 2.80
C ALA A 677 13.69 6.71 3.51
N LEU A 678 14.99 6.59 3.28
CA LEU A 678 15.99 7.42 3.98
C LEU A 678 16.15 8.75 3.27
N ALA A 679 15.79 8.81 1.99
CA ALA A 679 15.84 10.03 1.14
C ALA A 679 14.56 10.86 1.26
N ASN A 680 13.47 10.29 1.76
CA ASN A 680 12.15 10.98 1.82
C ASN A 680 11.47 10.62 3.15
N ARG A 681 11.40 11.55 4.12
CA ARG A 681 10.90 11.21 5.47
C ARG A 681 9.44 10.74 5.41
N LYS A 682 8.65 11.13 4.41
CA LYS A 682 7.25 10.68 4.30
C LYS A 682 7.24 9.21 3.82
N ILE A 683 8.09 8.87 2.85
CA ILE A 683 8.21 7.45 2.44
C ILE A 683 8.69 6.63 3.64
N GLY A 684 9.71 7.11 4.34
CA GLY A 684 10.16 6.51 5.62
C GLY A 684 8.99 6.18 6.53
N HIS A 685 8.16 7.19 6.82
CA HIS A 685 6.99 7.10 7.73
C HIS A 685 6.04 5.98 7.27
N PHE A 686 5.66 5.94 6.00
CA PHE A 686 4.66 4.92 5.54
C PHE A 686 5.30 3.54 5.36
N LEU A 687 6.56 3.44 4.93
CA LEU A 687 7.28 2.14 4.92
C LEU A 687 7.24 1.55 6.33
N PHE A 688 7.60 2.36 7.33
CA PHE A 688 7.65 1.93 8.74
C PHE A 688 6.30 1.28 9.11
N TRP A 689 5.19 2.01 8.95
CA TRP A 689 3.85 1.57 9.41
C TRP A 689 3.35 0.38 8.59
N HIS A 690 3.62 0.31 7.29
CA HIS A 690 3.30 -0.91 6.50
C HIS A 690 4.03 -2.13 7.11
N LEU A 691 5.31 -2.04 7.46
CA LEU A 691 6.08 -3.17 8.06
C LEU A 691 5.56 -3.47 9.48
N ARG A 692 5.43 -2.45 10.31
CA ARG A 692 5.07 -2.62 11.75
C ARG A 692 3.71 -3.29 11.85
N SER A 693 2.80 -2.95 10.95
CA SER A 693 1.39 -3.42 10.97
C SER A 693 1.32 -4.93 10.72
N GLU A 694 2.42 -5.56 10.31
CA GLU A 694 2.43 -7.02 10.05
C GLU A 694 3.42 -7.77 10.96
N MET A 695 3.89 -7.16 12.06
CA MET A 695 4.86 -7.84 12.97
C MET A 695 4.19 -9.01 13.74
N HIS A 696 2.87 -9.11 13.71
CA HIS A 696 2.08 -10.18 14.38
C HIS A 696 1.95 -11.42 13.46
N VAL A 697 2.40 -11.32 12.21
CA VAL A 697 2.36 -12.42 11.21
C VAL A 697 3.71 -13.13 11.24
N PRO A 698 3.83 -14.34 11.83
CA PRO A 698 5.15 -14.97 11.99
C PRO A 698 5.98 -15.14 10.71
N SER A 699 5.32 -15.32 9.56
CA SER A 699 6.01 -15.54 8.25
C SER A 699 6.80 -14.29 7.81
N VAL A 700 6.56 -13.12 8.38
CA VAL A 700 7.25 -11.86 7.94
C VAL A 700 7.89 -11.10 9.11
N ALA A 701 7.58 -11.46 10.35
CA ALA A 701 8.07 -10.75 11.57
C ALA A 701 9.57 -10.53 11.51
N LEU A 702 10.35 -11.56 11.10
CA LEU A 702 11.84 -11.47 11.02
C LEU A 702 12.28 -10.52 9.88
N ARG A 703 11.83 -10.78 8.66
CA ARG A 703 12.15 -9.90 7.50
C ARG A 703 11.75 -8.47 7.86
N PHE A 704 10.49 -8.26 8.28
CA PHE A 704 9.97 -6.88 8.52
C PHE A 704 10.70 -6.26 9.72
N GLY A 705 10.90 -7.02 10.80
CA GLY A 705 11.70 -6.51 11.93
C GLY A 705 13.06 -6.02 11.49
N LEU A 706 13.76 -6.81 10.69
CA LEU A 706 15.15 -6.49 10.26
C LEU A 706 15.18 -5.18 9.46
N ILE A 707 14.24 -5.00 8.53
CA ILE A 707 14.15 -3.74 7.70
C ILE A 707 13.89 -2.57 8.66
N MET A 708 12.94 -2.70 9.58
CA MET A 708 12.64 -1.57 10.50
C MET A 708 13.87 -1.24 11.31
N GLU A 709 14.58 -2.23 11.87
CA GLU A 709 15.87 -1.98 12.57
C GLU A 709 16.83 -1.16 11.69
N ALA A 710 17.10 -1.63 10.48
CA ALA A 710 18.00 -0.94 9.54
C ALA A 710 17.55 0.50 9.37
N TYR A 711 16.25 0.70 9.09
CA TYR A 711 15.69 2.08 8.94
C TYR A 711 16.04 2.91 10.16
N CYS A 712 15.76 2.40 11.37
CA CYS A 712 16.04 3.14 12.62
C CYS A 712 17.55 3.46 12.73
N ARG A 713 18.45 2.59 12.25
CA ARG A 713 19.91 2.91 12.22
C ARG A 713 20.15 4.17 11.37
N GLY A 714 19.30 4.38 10.39
CA GLY A 714 19.37 5.49 9.43
C GLY A 714 18.82 6.79 9.98
N SER A 715 17.94 6.73 10.99
CA SER A 715 17.29 7.96 11.54
C SER A 715 16.83 7.77 12.97
N THR A 716 17.70 8.19 13.89
CA THR A 716 17.52 8.08 15.36
C THR A 716 16.39 9.03 15.74
N HIS A 717 16.38 10.18 15.10
CA HIS A 717 15.35 11.20 15.37
C HIS A 717 13.98 10.62 15.02
N HIS A 718 13.84 10.09 13.81
CA HIS A 718 12.53 9.65 13.29
C HIS A 718 12.06 8.44 14.11
N MET A 719 12.98 7.59 14.56
CA MET A 719 12.69 6.47 15.46
C MET A 719 11.95 7.03 16.67
N LYS A 720 12.45 8.11 17.26
CA LYS A 720 11.83 8.73 18.48
C LYS A 720 10.42 9.26 18.14
N VAL A 721 10.24 9.85 16.97
CA VAL A 721 8.94 10.42 16.52
C VAL A 721 7.94 9.27 16.38
N LEU A 722 8.38 8.16 15.81
CA LEU A 722 7.58 6.94 15.62
C LEU A 722 7.24 6.31 16.99
N MET A 723 8.15 6.37 17.98
CA MET A 723 7.89 5.75 19.33
C MET A 723 6.73 6.48 20.01
N LYS A 724 6.74 7.80 19.93
CA LYS A 724 5.65 8.67 20.43
C LYS A 724 4.32 8.24 19.81
N GLN A 725 4.29 7.95 18.50
CA GLN A 725 3.06 7.49 17.82
C GLN A 725 2.62 6.14 18.40
N GLY A 726 3.55 5.22 18.55
CA GLY A 726 3.26 3.86 19.06
C GLY A 726 2.78 3.94 20.48
N GLU A 727 3.30 4.89 21.26
CA GLU A 727 2.88 5.10 22.69
C GLU A 727 1.42 5.57 22.70
N ALA A 728 1.04 6.46 21.76
CA ALA A 728 -0.36 6.88 21.57
C ALA A 728 -1.22 5.66 21.21
N LEU A 729 -0.75 4.84 20.29
CA LEU A 729 -1.54 3.67 19.82
C LEU A 729 -1.72 2.66 20.95
N SER A 730 -0.70 2.47 21.78
CA SER A 730 -0.75 1.58 22.96
C SER A 730 -1.84 2.06 23.92
N LYS A 731 -1.93 3.35 24.15
CA LYS A 731 -3.00 3.91 25.00
C LYS A 731 -4.38 3.76 24.36
N LEU A 732 -4.52 4.05 23.07
CA LEU A 732 -5.83 3.94 22.38
C LEU A 732 -6.35 2.49 22.49
N LYS A 733 -5.46 1.50 22.42
CA LYS A 733 -5.82 0.07 22.49
C LYS A 733 -6.37 -0.21 23.90
N ALA A 734 -5.67 0.25 24.93
CA ALA A 734 -6.15 0.01 26.31
C ALA A 734 -7.48 0.76 26.50
N LEU A 735 -7.59 2.00 26.00
CA LEU A 735 -8.84 2.81 26.12
C LEU A 735 -10.01 2.10 25.40
N ASN A 736 -9.78 1.53 24.22
CA ASN A 736 -10.84 0.90 23.39
C ASN A 736 -11.33 -0.41 24.00
N ASP A 737 -10.43 -1.23 24.57
CA ASP A 737 -10.74 -2.43 25.39
C ASP A 737 -11.67 -2.03 26.56
N PHE A 738 -11.38 -0.92 27.24
CA PHE A 738 -12.22 -0.46 28.37
C PHE A 738 -13.63 -0.15 27.85
N VAL A 739 -13.67 0.60 26.76
CA VAL A 739 -14.94 1.03 26.13
C VAL A 739 -15.74 -0.21 25.71
N LYS A 740 -15.13 -1.25 25.15
CA LYS A 740 -15.85 -2.46 24.67
C LYS A 740 -16.52 -3.20 25.82
N VAL A 741 -15.77 -3.49 26.89
CA VAL A 741 -16.29 -4.00 28.22
C VAL A 741 -17.38 -3.07 28.77
N SER A 742 -17.14 -1.77 28.89
CA SER A 742 -18.10 -0.87 29.56
C SER A 742 -19.39 -0.78 28.72
N SER A 743 -19.28 -0.74 27.38
CA SER A 743 -20.47 -0.66 26.51
C SER A 743 -21.44 -1.83 26.76
N GLN A 744 -20.99 -3.02 27.23
CA GLN A 744 -21.87 -4.20 27.48
C GLN A 744 -22.36 -4.25 28.95
N LYS A 745 -22.25 -3.16 29.73
CA LYS A 745 -22.62 -3.16 31.17
C LYS A 745 -23.34 -1.88 31.58
N THR A 746 -23.23 -0.78 30.83
CA THR A 746 -23.82 0.50 31.29
C THR A 746 -24.22 1.31 30.08
N THR A 747 -24.76 2.48 30.31
CA THR A 747 -25.33 3.36 29.26
C THR A 747 -24.19 4.16 28.60
N LYS A 748 -24.44 4.62 27.39
CA LYS A 748 -23.45 5.27 26.52
C LYS A 748 -22.95 6.53 27.25
N PRO A 749 -23.84 7.41 27.78
CA PRO A 749 -23.38 8.60 28.50
C PRO A 749 -22.34 8.27 29.58
N GLN A 750 -22.50 7.14 30.26
CA GLN A 750 -21.64 6.70 31.39
C GLN A 750 -20.35 6.08 30.86
N THR A 751 -20.38 5.24 29.82
CA THR A 751 -19.13 4.74 29.21
C THR A 751 -18.35 5.98 28.75
N LYS A 752 -19.06 6.96 28.22
CA LYS A 752 -18.41 8.09 27.57
C LYS A 752 -17.72 8.93 28.66
N GLU A 753 -18.39 9.14 29.79
CA GLU A 753 -17.81 9.94 30.89
C GLU A 753 -16.61 9.16 31.47
N MET A 754 -16.67 7.84 31.56
CA MET A 754 -15.51 7.13 32.15
C MET A 754 -14.38 7.03 31.13
N MET A 755 -14.71 7.11 29.84
CA MET A 755 -13.69 7.19 28.78
C MET A 755 -12.89 8.46 29.02
N HIS A 756 -13.59 9.58 29.24
CA HIS A 756 -12.96 10.91 29.45
C HIS A 756 -12.17 10.94 30.74
N MET A 757 -12.65 10.30 31.82
CA MET A 757 -11.85 10.22 33.08
C MET A 757 -10.54 9.47 32.77
N CYS A 758 -10.61 8.37 32.02
CA CYS A 758 -9.42 7.54 31.72
C CYS A 758 -8.41 8.41 30.93
N MET A 759 -8.93 9.21 30.01
CA MET A 759 -8.13 10.07 29.12
C MET A 759 -7.54 11.24 29.92
N ARG A 760 -8.26 11.75 30.93
CA ARG A 760 -7.78 12.90 31.71
C ARG A 760 -6.64 12.47 32.64
N GLN A 761 -6.32 11.18 32.76
CA GLN A 761 -5.14 10.73 33.55
C GLN A 761 -3.86 11.27 32.89
N GLU A 762 -2.86 11.63 33.70
CA GLU A 762 -1.60 12.28 33.24
C GLU A 762 -0.93 11.40 32.18
N THR A 763 -0.80 10.09 32.40
CA THR A 763 -0.11 9.22 31.39
C THR A 763 -0.84 9.23 30.04
N TYR A 764 -2.19 9.30 30.03
CA TYR A 764 -2.99 9.33 28.79
C TYR A 764 -2.88 10.71 28.12
N MET A 765 -3.08 11.83 28.84
CA MET A 765 -3.01 13.20 28.28
C MET A 765 -1.63 13.39 27.65
N GLU A 766 -0.61 12.85 28.29
CA GLU A 766 0.79 12.92 27.80
C GLU A 766 0.95 12.11 26.51
N ALA A 767 0.64 10.80 26.52
CA ALA A 767 0.77 9.85 25.38
C ALA A 767 -0.10 10.29 24.19
N LEU A 768 -1.30 10.83 24.43
CA LEU A 768 -2.27 11.16 23.33
C LEU A 768 -2.04 12.55 22.76
N SER A 769 -1.10 13.33 23.29
CA SER A 769 -0.89 14.75 22.91
C SER A 769 0.48 14.92 22.22
N HIS A 770 0.54 15.83 21.25
CA HIS A 770 1.80 16.37 20.68
C HIS A 770 2.54 15.29 19.87
N LEU A 771 1.88 14.77 18.84
CA LEU A 771 2.49 13.71 17.98
C LEU A 771 2.15 13.98 16.52
N GLN A 772 3.01 13.52 15.64
CA GLN A 772 2.70 13.51 14.19
C GLN A 772 1.65 12.45 13.96
N SER A 773 0.65 12.75 13.15
CA SER A 773 -0.40 11.75 12.83
C SER A 773 0.22 10.60 12.04
N PRO A 774 -0.02 9.34 12.45
CA PRO A 774 0.36 8.21 11.62
C PRO A 774 -0.28 8.27 10.23
N LEU A 775 -1.45 8.90 10.11
CA LEU A 775 -2.17 9.01 8.82
C LEU A 775 -1.48 9.98 7.87
N ASP A 776 -0.68 10.91 8.39
CA ASP A 776 -0.05 11.95 7.53
C ASP A 776 0.91 12.75 8.41
N PRO A 777 2.24 12.48 8.31
CA PRO A 777 3.20 13.07 9.22
C PRO A 777 3.24 14.59 9.16
N SER A 778 2.71 15.20 8.10
CA SER A 778 2.67 16.68 8.01
C SER A 778 1.48 17.27 8.83
N THR A 779 0.52 16.45 9.27
CA THR A 779 -0.57 16.82 10.18
C THR A 779 -0.09 16.61 11.61
N LEU A 780 -0.13 17.65 12.45
CA LEU A 780 0.30 17.57 13.88
C LEU A 780 -0.95 17.37 14.77
N LEU A 781 -0.94 16.38 15.65
CA LEU A 781 -2.01 16.16 16.64
C LEU A 781 -1.55 16.77 17.97
N GLU A 782 -2.04 17.97 18.30
CA GLU A 782 -1.47 18.75 19.43
C GLU A 782 -2.23 18.42 20.72
N GLU A 783 -3.26 19.19 21.02
CA GLU A 783 -3.98 19.09 22.30
C GLU A 783 -5.12 18.12 22.07
N VAL A 784 -5.18 17.00 22.76
CA VAL A 784 -6.36 16.09 22.63
C VAL A 784 -7.56 16.81 23.28
N CYS A 785 -8.70 16.95 22.59
CA CYS A 785 -9.92 17.51 23.08
CA CYS A 785 -9.93 17.61 23.09
C CYS A 785 -10.85 16.52 23.69
N VAL A 786 -10.62 16.13 24.95
CA VAL A 786 -11.29 15.00 25.64
C VAL A 786 -12.82 15.13 25.52
N GLU A 787 -13.38 16.31 25.77
CA GLU A 787 -14.85 16.57 25.88
C GLU A 787 -15.54 16.10 24.59
N GLN A 788 -14.84 16.28 23.49
CA GLN A 788 -15.32 15.98 22.11
C GLN A 788 -14.92 14.55 21.71
N CYS A 789 -14.25 13.78 22.57
CA CYS A 789 -13.88 12.38 22.20
C CYS A 789 -15.06 11.49 22.55
N THR A 790 -15.30 10.48 21.74
CA THR A 790 -16.37 9.52 22.03
C THR A 790 -15.99 8.22 21.36
N PHE A 791 -16.97 7.38 21.24
CA PHE A 791 -16.86 6.11 20.51
C PHE A 791 -18.16 5.94 19.74
N MET A 792 -18.14 5.11 18.72
CA MET A 792 -19.30 4.87 17.86
C MET A 792 -19.83 3.47 18.16
N ASP A 793 -21.08 3.25 17.80
CA ASP A 793 -21.93 2.17 18.33
C ASP A 793 -21.72 0.90 17.52
N SER A 794 -21.06 0.96 16.35
CA SER A 794 -20.73 -0.22 15.52
C SER A 794 -19.98 -1.25 16.39
N LYS A 795 -19.80 -2.46 15.89
CA LYS A 795 -19.55 -3.70 16.68
C LYS A 795 -18.26 -3.58 17.51
N MET A 796 -17.21 -2.93 17.00
CA MET A 796 -15.89 -2.94 17.69
C MET A 796 -15.70 -1.62 18.44
N LYS A 797 -16.73 -0.79 18.47
CA LYS A 797 -16.77 0.44 19.27
C LYS A 797 -15.53 1.27 18.93
N PRO A 798 -15.32 1.64 17.66
CA PRO A 798 -14.16 2.45 17.34
C PRO A 798 -14.24 3.81 18.05
N LEU A 799 -13.06 4.30 18.39
CA LEU A 799 -12.88 5.57 19.15
C LEU A 799 -12.88 6.70 18.15
N TRP A 800 -13.46 7.82 18.56
CA TRP A 800 -13.49 9.10 17.85
C TRP A 800 -12.67 10.06 18.68
N ILE A 801 -11.53 10.53 18.16
CA ILE A 801 -10.52 11.28 18.94
C ILE A 801 -10.29 12.58 18.21
N MET A 802 -10.54 13.68 18.93
CA MET A 802 -10.53 15.05 18.35
C MET A 802 -9.35 15.78 18.97
N TYR A 803 -8.75 16.68 18.19
CA TYR A 803 -7.55 17.45 18.55
C TYR A 803 -7.77 18.91 18.20
N SER A 804 -7.07 19.82 18.89
CA SER A 804 -7.04 21.27 18.56
C SER A 804 -5.60 21.73 18.61
N SER A 805 -5.26 22.77 17.84
CA SER A 805 -3.92 23.41 17.77
C SER A 805 -4.10 24.93 17.63
N GLU A 806 -3.72 25.67 18.67
CA GLU A 806 -3.70 27.17 18.66
C GLU A 806 -2.95 27.61 17.38
N GLU A 807 -1.72 27.12 17.14
CA GLU A 807 -0.79 27.60 16.06
C GLU A 807 -1.37 27.31 14.65
N ALA A 808 -2.14 26.23 14.46
CA ALA A 808 -2.76 25.91 13.16
C ALA A 808 -4.13 26.60 13.04
N GLY A 809 -4.61 27.25 14.11
CA GLY A 809 -5.99 27.78 14.23
C GLY A 809 -7.05 26.73 13.93
N SER A 810 -8.06 27.09 13.12
CA SER A 810 -9.19 26.21 12.70
C SER A 810 -8.70 24.96 11.95
N ALA A 811 -7.57 25.00 11.23
CA ALA A 811 -7.01 23.86 10.45
C ALA A 811 -6.42 22.77 11.36
N GLY A 812 -6.17 23.06 12.64
CA GLY A 812 -5.57 22.12 13.61
C GLY A 812 -6.64 21.33 14.36
N ASN A 813 -7.91 21.55 13.94
CA ASN A 813 -9.12 20.84 14.44
C ASN A 813 -9.30 19.59 13.61
N VAL A 814 -8.75 18.48 14.07
CA VAL A 814 -8.69 17.24 13.25
C VAL A 814 -9.14 16.11 14.15
N GLY A 815 -9.59 15.06 13.48
CA GLY A 815 -10.09 13.87 14.17
C GLY A 815 -9.43 12.65 13.60
N ILE A 816 -9.28 11.64 14.45
CA ILE A 816 -8.87 10.29 14.04
C ILE A 816 -9.87 9.32 14.62
N ILE A 817 -10.07 8.20 13.92
CA ILE A 817 -10.78 7.01 14.44
C ILE A 817 -9.75 5.91 14.64
N PHE A 818 -9.75 5.34 15.83
CA PHE A 818 -9.00 4.12 16.17
C PHE A 818 -10.00 2.96 16.12
N LYS A 819 -9.68 1.99 15.25
CA LYS A 819 -10.49 0.79 15.00
C LYS A 819 -9.64 -0.43 15.33
N ASN A 820 -10.19 -1.32 16.17
CA ASN A 820 -9.48 -2.51 16.69
C ASN A 820 -10.42 -3.72 16.81
N GLY A 821 -10.04 -4.86 16.22
CA GLY A 821 -10.83 -6.12 16.31
C GLY A 821 -11.23 -6.64 14.95
N ASP A 822 -11.40 -5.77 13.95
CA ASP A 822 -11.72 -6.19 12.56
C ASP A 822 -10.45 -6.23 11.72
N ASP A 823 -10.37 -7.19 10.79
CA ASP A 823 -9.34 -7.21 9.74
C ASP A 823 -9.73 -6.11 8.77
N LEU A 824 -8.82 -5.17 8.51
CA LEU A 824 -9.09 -3.92 7.76
C LEU A 824 -8.46 -4.00 6.36
N ARG A 825 -7.61 -4.98 6.11
CA ARG A 825 -6.58 -5.03 5.04
C ARG A 825 -7.23 -4.92 3.66
N GLN A 826 -8.35 -5.61 3.47
CA GLN A 826 -9.13 -5.58 2.21
C GLN A 826 -9.72 -4.18 1.99
N ASP A 827 -10.37 -3.63 3.01
CA ASP A 827 -10.92 -2.26 2.94
C ASP A 827 -9.78 -1.29 2.68
N MET A 828 -8.61 -1.49 3.26
CA MET A 828 -7.48 -0.53 3.08
C MET A 828 -7.10 -0.54 1.59
N LEU A 829 -7.16 -1.73 0.96
CA LEU A 829 -6.77 -1.90 -0.48
C LEU A 829 -7.81 -1.14 -1.32
N THR A 830 -9.10 -1.38 -1.06
CA THR A 830 -10.24 -0.70 -1.74
C THR A 830 -10.00 0.82 -1.71
N LEU A 831 -9.67 1.38 -0.55
CA LEU A 831 -9.52 2.85 -0.40
C LEU A 831 -8.31 3.37 -1.21
N GLN A 832 -7.14 2.69 -1.18
CA GLN A 832 -5.93 3.04 -1.95
C GLN A 832 -6.29 3.05 -3.44
N MET A 833 -7.11 2.11 -3.88
CA MET A 833 -7.49 1.98 -5.29
C MET A 833 -8.45 3.09 -5.70
N ILE A 834 -9.37 3.48 -4.81
CA ILE A 834 -10.25 4.66 -5.07
C ILE A 834 -9.34 5.90 -5.11
N GLN A 835 -8.31 5.94 -4.26
CA GLN A 835 -7.39 7.12 -4.20
C GLN A 835 -6.66 7.20 -5.54
N LEU A 836 -6.12 6.08 -6.03
CA LEU A 836 -5.44 5.98 -7.36
C LEU A 836 -6.41 6.38 -8.49
N MET A 837 -7.65 5.91 -8.45
CA MET A 837 -8.69 6.27 -9.46
C MET A 837 -8.78 7.79 -9.52
N ASP A 838 -8.90 8.42 -8.36
CA ASP A 838 -9.00 9.88 -8.27
C ASP A 838 -7.81 10.56 -8.95
N VAL A 839 -6.57 10.10 -8.67
CA VAL A 839 -5.31 10.67 -9.21
C VAL A 839 -5.35 10.55 -10.72
N LEU A 840 -5.75 9.39 -11.24
CA LEU A 840 -5.75 9.14 -12.71
C LEU A 840 -6.78 10.07 -13.38
N TRP A 841 -7.96 10.24 -12.76
CA TRP A 841 -9.02 11.11 -13.31
C TRP A 841 -8.49 12.55 -13.35
N LYS A 842 -7.91 13.02 -12.25
CA LYS A 842 -7.36 14.40 -12.20
C LYS A 842 -6.21 14.59 -13.20
N GLN A 843 -5.33 13.60 -13.37
CA GLN A 843 -4.27 13.67 -14.41
C GLN A 843 -4.86 13.89 -15.82
N GLU A 844 -6.12 13.57 -16.10
CA GLU A 844 -6.81 13.89 -17.39
C GLU A 844 -7.77 15.08 -17.25
N GLY A 845 -7.58 15.92 -16.23
CA GLY A 845 -8.42 17.11 -15.98
C GLY A 845 -9.86 16.80 -15.57
N LEU A 846 -10.17 15.63 -14.99
CA LEU A 846 -11.50 15.22 -14.45
C LEU A 846 -11.43 15.21 -12.93
N ASP A 847 -12.04 16.22 -12.30
CA ASP A 847 -12.13 16.34 -10.82
C ASP A 847 -13.54 15.92 -10.33
N LEU A 848 -13.70 14.66 -9.90
CA LEU A 848 -15.01 14.13 -9.42
C LEU A 848 -15.18 14.36 -7.90
N ARG A 849 -14.43 15.29 -7.32
CA ARG A 849 -14.59 15.78 -5.94
C ARG A 849 -14.67 14.58 -5.01
N MET A 850 -13.70 13.66 -5.10
CA MET A 850 -13.60 12.48 -4.24
C MET A 850 -13.07 12.87 -2.85
N THR A 851 -13.21 11.98 -1.87
CA THR A 851 -12.79 12.20 -0.48
C THR A 851 -11.86 11.05 -0.11
N PRO A 852 -10.57 11.12 -0.55
CA PRO A 852 -9.63 10.04 -0.27
C PRO A 852 -9.04 10.23 1.15
N TYR A 853 -9.84 10.02 2.18
CA TYR A 853 -9.42 10.25 3.60
C TYR A 853 -8.32 9.24 3.95
N GLY A 854 -7.39 9.68 4.78
CA GLY A 854 -6.29 8.83 5.30
C GLY A 854 -6.86 7.62 5.97
N CYS A 855 -6.17 6.51 5.77
CA CYS A 855 -6.55 5.18 6.29
C CYS A 855 -5.28 4.32 6.28
N LEU A 856 -4.91 3.73 7.43
CA LEU A 856 -3.56 3.21 7.71
C LEU A 856 -3.68 1.98 8.59
N PRO A 857 -3.10 0.81 8.25
CA PRO A 857 -2.98 -0.31 9.20
C PRO A 857 -1.81 -0.04 10.15
N THR A 858 -1.95 -0.32 11.45
CA THR A 858 -0.87 -0.02 12.45
C THR A 858 -0.48 -1.27 13.21
N GLY A 859 -1.38 -2.24 13.30
CA GLY A 859 -1.12 -3.49 14.03
C GLY A 859 -2.17 -4.56 13.76
N ASP A 860 -2.12 -5.62 14.56
CA ASP A 860 -3.06 -6.77 14.46
C ASP A 860 -4.49 -6.23 14.55
N ARG A 861 -5.20 -6.24 13.43
CA ARG A 861 -6.63 -5.89 13.35
C ARG A 861 -6.76 -4.49 13.94
N THR A 862 -5.78 -3.64 13.66
CA THR A 862 -5.73 -2.26 14.19
C THR A 862 -5.38 -1.30 13.08
N GLY A 863 -6.10 -0.20 13.05
CA GLY A 863 -5.80 0.91 12.15
C GLY A 863 -6.39 2.21 12.64
N LEU A 864 -5.95 3.27 11.97
CA LEU A 864 -6.43 4.65 12.13
C LEU A 864 -7.15 5.03 10.85
N ILE A 865 -8.00 6.03 10.96
CA ILE A 865 -8.84 6.58 9.88
C ILE A 865 -8.82 8.08 10.11
N GLU A 866 -8.60 8.86 9.07
CA GLU A 866 -8.72 10.32 9.19
C GLU A 866 -10.22 10.67 9.15
N VAL A 867 -10.68 11.39 10.14
CA VAL A 867 -12.08 11.86 10.25
C VAL A 867 -12.33 12.92 9.17
N VAL A 868 -13.45 12.78 8.46
CA VAL A 868 -13.98 13.88 7.61
C VAL A 868 -15.05 14.61 8.42
N LEU A 869 -14.74 15.86 8.77
CA LEU A 869 -15.63 16.68 9.63
C LEU A 869 -16.68 17.31 8.73
N HIS A 870 -17.65 17.98 9.35
CA HIS A 870 -18.72 18.79 8.70
C HIS A 870 -19.46 17.88 7.73
N SER A 871 -19.88 16.72 8.23
CA SER A 871 -20.53 15.70 7.39
C SER A 871 -21.48 14.85 8.25
N ASP A 872 -22.40 14.11 7.63
CA ASP A 872 -23.35 13.26 8.39
C ASP A 872 -23.70 12.06 7.56
N THR A 873 -24.29 11.03 8.20
CA THR A 873 -24.71 9.80 7.49
C THR A 873 -25.98 10.11 6.69
N ILE A 874 -26.13 9.48 5.52
CA ILE A 874 -27.38 9.57 4.72
C ILE A 874 -28.51 9.05 5.61
N ALA A 875 -28.30 7.85 6.19
CA ALA A 875 -29.27 7.17 7.08
C ALA A 875 -29.73 8.17 8.14
N ASN A 876 -28.85 9.00 8.69
CA ASN A 876 -29.18 10.00 9.73
C ASN A 876 -30.11 11.09 9.15
N ILE A 877 -29.75 11.64 7.98
CA ILE A 877 -30.46 12.76 7.30
C ILE A 877 -31.85 12.25 6.84
N GLN A 878 -31.91 10.97 6.39
CA GLN A 878 -33.12 10.27 5.87
C GLN A 878 -34.03 9.79 7.01
N LEU A 879 -33.63 9.84 8.28
CA LEU A 879 -34.56 9.60 9.42
C LEU A 879 -35.58 10.76 9.41
N ASN A 880 -35.18 11.94 8.90
CA ASN A 880 -36.13 13.04 8.59
C ASN A 880 -36.82 13.43 9.92
N LYS A 881 -36.04 13.59 10.97
CA LYS A 881 -36.55 14.04 12.30
C LYS A 881 -37.33 15.36 12.14
N SER A 882 -38.21 15.67 13.08
CA SER A 882 -38.97 16.95 13.13
C SER A 882 -38.15 18.05 13.84
N ASN A 883 -38.49 19.32 13.61
CA ASN A 883 -37.91 20.51 14.27
C ASN A 883 -36.48 20.74 13.76
N MET A 884 -36.20 20.31 12.54
CA MET A 884 -34.87 20.45 11.88
C MET A 884 -35.05 21.30 10.63
N ALA A 885 -33.96 21.81 10.06
CA ALA A 885 -33.99 22.65 8.85
C ALA A 885 -34.29 21.77 7.61
N ALA A 886 -34.27 20.42 7.74
CA ALA A 886 -34.37 19.43 6.63
C ALA A 886 -35.72 18.68 6.61
N THR A 887 -36.80 19.27 7.14
CA THR A 887 -38.13 18.60 7.37
C THR A 887 -39.01 18.71 6.10
N ALA A 888 -39.26 17.55 5.47
CA ALA A 888 -39.76 17.43 4.09
C ALA A 888 -41.16 16.78 4.08
N ALA A 889 -41.98 17.25 3.15
CA ALA A 889 -43.27 16.64 2.80
C ALA A 889 -43.08 15.16 2.42
N PHE A 890 -42.03 14.86 1.63
CA PHE A 890 -41.71 13.52 1.05
C PHE A 890 -40.29 13.10 1.45
N ASN A 891 -40.06 11.83 1.83
CA ASN A 891 -38.72 11.35 2.28
C ASN A 891 -37.65 11.68 1.21
N LYS A 892 -37.98 11.58 -0.08
CA LYS A 892 -37.04 11.87 -1.20
C LYS A 892 -36.42 13.28 -1.11
N ASP A 893 -37.08 14.27 -0.48
CA ASP A 893 -36.59 15.68 -0.37
C ASP A 893 -35.69 15.96 0.86
N ALA A 894 -35.60 15.05 1.82
CA ALA A 894 -34.84 15.25 3.08
C ALA A 894 -33.36 15.58 2.78
N LEU A 895 -32.68 14.83 1.87
CA LEU A 895 -31.26 15.04 1.45
C LEU A 895 -31.12 16.41 0.82
N LEU A 896 -31.97 16.70 -0.15
CA LEU A 896 -31.91 17.96 -0.92
C LEU A 896 -32.19 19.13 0.03
N ASN A 897 -33.14 19.01 0.95
CA ASN A 897 -33.41 20.10 1.93
C ASN A 897 -32.22 20.27 2.90
N TRP A 898 -31.52 19.20 3.25
CA TRP A 898 -30.29 19.27 4.08
C TRP A 898 -29.23 20.10 3.30
N LEU A 899 -29.00 19.73 2.05
CA LEU A 899 -28.07 20.49 1.18
C LEU A 899 -28.44 21.98 1.11
N LYS A 900 -29.74 22.30 1.01
CA LYS A 900 -30.21 23.72 1.01
C LYS A 900 -29.90 24.36 2.36
N SER A 901 -30.17 23.65 3.47
CA SER A 901 -29.87 24.13 4.84
C SER A 901 -28.39 24.46 4.98
N LYS A 902 -27.50 23.67 4.35
CA LYS A 902 -26.03 23.81 4.47
C LYS A 902 -25.49 24.73 3.40
N ASN A 903 -26.26 25.03 2.35
CA ASN A 903 -25.76 25.80 1.18
C ASN A 903 -26.78 26.81 0.68
N PRO A 904 -27.06 27.93 1.41
CA PRO A 904 -28.19 28.80 1.08
C PRO A 904 -27.88 29.70 -0.12
N GLY A 905 -28.89 30.28 -0.75
CA GLY A 905 -28.75 31.20 -1.89
C GLY A 905 -28.09 30.52 -3.07
N GLU A 906 -27.05 31.15 -3.64
CA GLU A 906 -26.37 30.74 -4.90
C GLU A 906 -25.50 29.48 -4.69
N ALA A 907 -25.02 29.25 -3.47
CA ALA A 907 -24.12 28.11 -3.12
C ALA A 907 -24.78 26.74 -3.37
N LEU A 908 -26.11 26.62 -3.43
CA LEU A 908 -26.80 25.31 -3.56
C LEU A 908 -26.37 24.61 -4.86
N ASP A 909 -26.18 25.39 -5.92
CA ASP A 909 -25.91 24.86 -7.28
C ASP A 909 -24.57 24.12 -7.28
N ARG A 910 -23.56 24.72 -6.63
CA ARG A 910 -22.20 24.14 -6.38
C ARG A 910 -22.34 22.81 -5.59
N ALA A 911 -23.11 22.77 -4.50
CA ALA A 911 -23.23 21.53 -3.70
C ALA A 911 -23.87 20.44 -4.56
N ILE A 912 -24.88 20.76 -5.33
CA ILE A 912 -25.60 19.74 -6.16
C ILE A 912 -24.59 19.16 -7.16
N GLU A 913 -23.74 20.01 -7.72
CA GLU A 913 -22.68 19.60 -8.69
C GLU A 913 -21.64 18.71 -7.98
N GLU A 914 -21.23 19.11 -6.78
CA GLU A 914 -20.26 18.37 -5.93
C GLU A 914 -20.84 16.98 -5.68
N PHE A 915 -22.13 16.94 -5.34
CA PHE A 915 -22.87 15.67 -5.07
C PHE A 915 -22.81 14.81 -6.33
N THR A 916 -23.10 15.43 -7.48
CA THR A 916 -23.20 14.71 -8.79
C THR A 916 -21.85 14.14 -9.18
N LEU A 917 -20.80 14.96 -9.11
CA LEU A 917 -19.44 14.52 -9.51
C LEU A 917 -19.02 13.36 -8.62
N SER A 918 -19.17 13.49 -7.30
CA SER A 918 -18.73 12.45 -6.34
C SER A 918 -19.53 11.17 -6.56
N CYS A 919 -20.83 11.31 -6.75
CA CYS A 919 -21.70 10.16 -7.00
C CYS A 919 -21.22 9.41 -8.23
N ALA A 920 -20.84 10.12 -9.29
CA ALA A 920 -20.33 9.46 -10.51
C ALA A 920 -19.06 8.67 -10.16
N GLY A 921 -18.13 9.34 -9.47
CA GLY A 921 -16.85 8.75 -9.06
C GLY A 921 -17.05 7.48 -8.26
N TYR A 922 -17.86 7.50 -7.20
CA TYR A 922 -18.09 6.31 -6.33
C TYR A 922 -18.90 5.25 -7.08
N CYS A 923 -19.90 5.64 -7.89
CA CYS A 923 -20.69 4.68 -8.71
C CYS A 923 -19.71 3.90 -9.59
N VAL A 924 -18.76 4.61 -10.22
CA VAL A 924 -17.81 3.95 -11.18
C VAL A 924 -16.83 3.09 -10.38
N ALA A 925 -16.26 3.63 -9.32
CA ALA A 925 -15.27 2.97 -8.45
C ALA A 925 -15.83 1.64 -7.93
N THR A 926 -17.06 1.66 -7.41
CA THR A 926 -17.71 0.47 -6.78
C THR A 926 -18.13 -0.53 -7.85
N TYR A 927 -18.61 -0.02 -8.99
CA TYR A 927 -18.84 -0.88 -10.17
C TYR A 927 -17.56 -1.63 -10.51
N VAL A 928 -16.50 -0.89 -10.80
CA VAL A 928 -15.24 -1.51 -11.32
C VAL A 928 -14.72 -2.49 -10.28
N LEU A 929 -14.80 -2.13 -8.99
CA LEU A 929 -14.14 -2.93 -7.94
C LEU A 929 -15.06 -4.07 -7.52
N GLY A 930 -16.34 -4.03 -7.90
CA GLY A 930 -17.25 -5.17 -7.68
C GLY A 930 -17.78 -5.13 -6.27
N ILE A 931 -18.20 -3.95 -5.84
CA ILE A 931 -18.77 -3.67 -4.51
C ILE A 931 -20.26 -3.33 -4.72
N GLY A 932 -21.15 -4.16 -4.19
CA GLY A 932 -22.61 -3.93 -4.24
C GLY A 932 -23.17 -3.59 -2.88
N ASP A 933 -24.22 -4.29 -2.43
CA ASP A 933 -24.71 -4.34 -1.03
C ASP A 933 -24.67 -2.93 -0.40
N ARG A 934 -25.30 -1.93 -1.04
CA ARG A 934 -25.18 -0.50 -0.64
C ARG A 934 -26.37 -0.09 0.24
N HIS A 935 -26.08 0.46 1.43
CA HIS A 935 -27.08 1.03 2.39
C HIS A 935 -26.49 2.29 3.05
N SER A 936 -27.36 3.23 3.43
CA SER A 936 -27.05 4.65 3.78
C SER A 936 -26.37 4.79 5.16
N ASP A 937 -26.11 3.67 5.86
CA ASP A 937 -25.26 3.64 7.08
C ASP A 937 -23.81 3.76 6.63
N ASN A 938 -23.53 3.24 5.44
CA ASN A 938 -22.15 3.19 4.88
C ASN A 938 -21.93 4.42 3.98
N ILE A 939 -22.94 5.31 3.79
CA ILE A 939 -22.74 6.51 2.92
C ILE A 939 -22.85 7.82 3.73
N MET A 940 -21.82 8.66 3.61
CA MET A 940 -21.64 9.96 4.29
C MET A 940 -21.89 11.05 3.26
N ILE A 941 -22.41 12.19 3.69
CA ILE A 941 -22.42 13.40 2.84
C ILE A 941 -21.76 14.53 3.61
N ARG A 942 -20.87 15.22 2.91
CA ARG A 942 -20.23 16.45 3.43
C ARG A 942 -21.17 17.61 3.16
N GLU A 943 -21.00 18.68 3.91
CA GLU A 943 -21.87 19.87 3.82
C GLU A 943 -21.63 20.55 2.48
N SER A 944 -20.48 20.28 1.86
CA SER A 944 -20.15 20.72 0.48
C SER A 944 -21.05 20.04 -0.53
N GLY A 945 -21.67 18.93 -0.14
CA GLY A 945 -22.44 18.11 -1.08
C GLY A 945 -21.68 16.89 -1.54
N GLN A 946 -20.40 16.78 -1.19
CA GLN A 946 -19.62 15.57 -1.52
C GLN A 946 -20.15 14.37 -0.76
N LEU A 947 -20.20 13.27 -1.48
CA LEU A 947 -20.61 11.96 -0.97
C LEU A 947 -19.38 11.07 -0.92
N PHE A 948 -19.28 10.17 0.08
CA PHE A 948 -18.17 9.19 0.19
C PHE A 948 -18.62 7.99 1.01
N HIS A 949 -17.87 6.89 0.97
CA HIS A 949 -18.19 5.55 1.55
C HIS A 949 -17.31 5.30 2.80
N ILE A 950 -17.89 4.73 3.86
CA ILE A 950 -17.15 4.38 5.10
C ILE A 950 -17.27 2.87 5.41
N ASP A 951 -17.98 2.07 4.63
CA ASP A 951 -17.95 0.58 4.68
C ASP A 951 -17.99 0.06 3.26
N PHE A 952 -17.41 -1.12 3.02
CA PHE A 952 -17.36 -1.82 1.72
C PHE A 952 -18.07 -3.16 1.91
N GLY A 953 -17.43 -4.34 1.85
CA GLY A 953 -16.32 -4.70 0.97
C GLY A 953 -15.60 -5.95 1.47
N HIS A 954 -15.83 -7.15 0.91
CA HIS A 954 -16.83 -7.55 -0.08
C HIS A 954 -16.62 -6.85 -1.43
N PHE A 955 -15.62 -7.31 -2.19
CA PHE A 955 -15.15 -6.71 -3.47
C PHE A 955 -14.83 -7.83 -4.48
N LEU A 956 -14.63 -7.46 -5.74
CA LEU A 956 -14.43 -8.40 -6.87
C LEU A 956 -15.53 -9.46 -6.88
N GLY A 957 -16.79 -9.06 -6.67
CA GLY A 957 -17.97 -9.91 -6.90
C GLY A 957 -18.28 -10.88 -5.77
N ASN A 958 -17.33 -11.13 -4.87
CA ASN A 958 -17.45 -12.10 -3.74
C ASN A 958 -18.57 -11.60 -2.79
N PHE A 959 -19.58 -12.46 -2.57
CA PHE A 959 -20.79 -12.21 -1.73
C PHE A 959 -20.54 -12.79 -0.33
N ARG A 969 -20.93 -11.31 -9.94
CA ARG A 969 -20.96 -10.23 -10.98
C ARG A 969 -21.91 -9.09 -10.54
N VAL A 970 -21.39 -8.03 -9.92
CA VAL A 970 -22.26 -7.02 -9.24
C VAL A 970 -22.63 -5.95 -10.25
N PRO A 971 -23.91 -5.53 -10.31
CA PRO A 971 -24.32 -4.52 -11.27
C PRO A 971 -23.76 -3.15 -10.86
N PHE A 972 -23.73 -2.25 -11.83
CA PHE A 972 -23.65 -0.80 -11.59
C PHE A 972 -24.88 -0.42 -10.77
N ILE A 973 -24.76 0.56 -9.85
CA ILE A 973 -25.80 0.87 -8.83
C ILE A 973 -26.17 2.34 -8.88
N LEU A 974 -27.46 2.60 -9.10
CA LEU A 974 -28.10 3.94 -9.05
C LEU A 974 -29.21 3.91 -7.99
N THR A 975 -29.27 4.95 -7.16
CA THR A 975 -30.15 5.10 -5.98
C THR A 975 -31.09 6.28 -6.22
N TYR A 976 -32.38 6.00 -6.36
CA TYR A 976 -33.44 7.01 -6.63
C TYR A 976 -33.19 8.31 -5.85
N ASP A 977 -32.83 8.23 -4.58
CA ASP A 977 -32.81 9.43 -3.70
C ASP A 977 -31.61 10.31 -4.11
N PHE A 978 -30.53 9.71 -4.64
CA PHE A 978 -29.33 10.42 -5.17
C PHE A 978 -29.62 10.93 -6.59
N VAL A 979 -30.23 10.11 -7.45
CA VAL A 979 -30.70 10.54 -8.81
C VAL A 979 -31.64 11.74 -8.63
N HIS A 980 -32.48 11.69 -7.58
CA HIS A 980 -33.40 12.79 -7.21
C HIS A 980 -32.61 14.09 -6.96
N VAL A 981 -31.47 14.04 -6.27
CA VAL A 981 -30.66 15.28 -5.97
C VAL A 981 -29.95 15.72 -7.26
N ILE A 982 -29.50 14.78 -8.05
CA ILE A 982 -28.78 15.08 -9.32
C ILE A 982 -29.74 15.84 -10.22
N GLN A 983 -31.02 15.41 -10.25
CA GLN A 983 -32.09 16.08 -11.04
C GLN A 983 -32.62 17.32 -10.34
N GLN A 984 -31.94 17.86 -9.32
CA GLN A 984 -32.33 19.12 -8.62
C GLN A 984 -33.78 19.07 -8.12
N GLY A 985 -34.28 17.91 -7.69
CA GLY A 985 -35.60 17.77 -7.07
C GLY A 985 -36.67 17.30 -8.05
N LYS A 986 -36.41 17.34 -9.35
CA LYS A 986 -37.43 17.19 -10.41
C LYS A 986 -37.55 15.71 -10.83
N THR A 987 -38.78 15.30 -11.16
CA THR A 987 -39.11 13.92 -11.58
C THR A 987 -38.49 13.69 -12.95
N ASN A 988 -38.45 14.75 -13.78
CA ASN A 988 -37.85 14.73 -15.14
C ASN A 988 -36.80 15.84 -15.29
N ASN A 989 -35.56 15.47 -15.61
CA ASN A 989 -34.43 16.44 -15.80
C ASN A 989 -33.31 15.76 -16.58
N SER A 990 -33.58 15.34 -17.80
CA SER A 990 -32.64 14.55 -18.61
C SER A 990 -31.35 15.39 -18.81
N GLU A 991 -31.48 16.71 -18.84
CA GLU A 991 -30.30 17.59 -18.97
C GLU A 991 -29.31 17.20 -17.85
N LYS A 992 -29.74 17.26 -16.59
CA LYS A 992 -28.83 17.03 -15.43
C LYS A 992 -28.43 15.56 -15.34
N PHE A 993 -29.37 14.65 -15.54
CA PHE A 993 -29.10 13.21 -15.40
C PHE A 993 -28.11 12.75 -16.46
N GLU A 994 -28.22 13.27 -17.69
CA GLU A 994 -27.32 12.83 -18.81
C GLU A 994 -25.91 13.42 -18.66
N ARG A 995 -25.76 14.64 -18.13
CA ARG A 995 -24.44 15.19 -17.76
C ARG A 995 -23.80 14.22 -16.75
N PHE A 996 -24.61 13.68 -15.83
CA PHE A 996 -24.15 12.71 -14.81
C PHE A 996 -23.70 11.40 -15.48
N ARG A 997 -24.47 10.90 -16.44
CA ARG A 997 -24.03 9.72 -17.23
C ARG A 997 -22.72 10.08 -17.95
N GLY A 998 -22.57 11.31 -18.47
CA GLY A 998 -21.33 11.73 -19.17
C GLY A 998 -20.14 11.60 -18.21
N TYR A 999 -20.28 12.10 -16.98
CA TYR A 999 -19.26 12.01 -15.91
C TYR A 999 -18.89 10.56 -15.69
N CYS A 1000 -19.89 9.69 -15.55
CA CYS A 1000 -19.68 8.24 -15.34
C CYS A 1000 -18.93 7.63 -16.50
N GLU A 1001 -19.29 7.98 -17.74
CA GLU A 1001 -18.66 7.36 -18.94
C GLU A 1001 -17.19 7.82 -19.05
N ARG A 1002 -16.91 9.12 -18.85
CA ARG A 1002 -15.52 9.68 -18.87
C ARG A 1002 -14.66 8.97 -17.80
N ALA A 1003 -15.17 8.86 -16.58
CA ALA A 1003 -14.44 8.24 -15.46
C ALA A 1003 -14.12 6.81 -15.83
N TYR A 1004 -15.11 6.06 -16.35
CA TYR A 1004 -14.96 4.65 -16.78
C TYR A 1004 -13.95 4.51 -17.92
N THR A 1005 -13.98 5.40 -18.92
CA THR A 1005 -13.03 5.28 -20.07
C THR A 1005 -11.58 5.57 -19.61
N ILE A 1006 -11.36 6.56 -18.72
CA ILE A 1006 -9.99 6.85 -18.18
C ILE A 1006 -9.45 5.61 -17.46
N LEU A 1007 -10.24 4.96 -16.60
CA LEU A 1007 -9.74 3.78 -15.83
C LEU A 1007 -9.37 2.65 -16.80
N ARG A 1008 -10.20 2.40 -17.82
CA ARG A 1008 -9.91 1.39 -18.88
C ARG A 1008 -8.53 1.60 -19.50
N ARG A 1009 -8.12 2.84 -19.74
CA ARG A 1009 -6.82 3.17 -20.39
C ARG A 1009 -5.65 2.81 -19.49
N HIS A 1010 -5.85 2.82 -18.18
CA HIS A 1010 -4.84 2.44 -17.15
C HIS A 1010 -5.20 1.07 -16.57
N GLY A 1011 -6.09 0.34 -17.24
CA GLY A 1011 -6.42 -1.07 -16.93
C GLY A 1011 -5.24 -1.91 -16.49
N LEU A 1012 -4.13 -1.85 -17.23
CA LEU A 1012 -2.98 -2.76 -16.95
C LEU A 1012 -2.40 -2.39 -15.59
N LEU A 1013 -2.40 -1.10 -15.22
CA LEU A 1013 -1.81 -0.68 -13.92
C LEU A 1013 -2.62 -1.33 -12.79
N PHE A 1014 -3.94 -1.23 -12.80
CA PHE A 1014 -4.82 -1.96 -11.85
C PHE A 1014 -4.48 -3.47 -11.85
N LEU A 1015 -4.41 -4.12 -13.01
CA LEU A 1015 -4.06 -5.57 -13.13
C LEU A 1015 -2.70 -5.86 -12.51
N HIS A 1016 -1.64 -5.13 -12.89
CA HIS A 1016 -0.30 -5.34 -12.31
C HIS A 1016 -0.31 -5.15 -10.77
N LEU A 1017 -0.98 -4.11 -10.23
CA LEU A 1017 -1.01 -3.84 -8.76
C LEU A 1017 -1.81 -4.94 -8.06
N PHE A 1018 -2.97 -5.33 -8.58
CA PHE A 1018 -3.78 -6.45 -8.03
C PHE A 1018 -2.96 -7.75 -8.07
N ALA A 1019 -2.15 -7.97 -9.11
CA ALA A 1019 -1.32 -9.19 -9.25
C ALA A 1019 -0.26 -9.19 -8.14
N LEU A 1020 0.37 -8.06 -7.82
CA LEU A 1020 1.35 -7.99 -6.71
C LEU A 1020 0.65 -8.24 -5.34
N MET A 1021 -0.64 -7.91 -5.21
CA MET A 1021 -1.39 -7.96 -3.92
C MET A 1021 -1.77 -9.41 -3.63
N ARG A 1022 -1.63 -10.30 -4.60
CA ARG A 1022 -1.86 -11.73 -4.36
C ARG A 1022 -0.89 -12.21 -3.29
N ALA A 1023 0.15 -11.43 -3.01
CA ALA A 1023 1.18 -11.73 -1.98
C ALA A 1023 0.57 -11.61 -0.56
N ALA A 1024 -0.52 -10.87 -0.37
CA ALA A 1024 -0.96 -10.34 0.94
C ALA A 1024 -1.81 -11.37 1.67
N GLY A 1025 -2.23 -12.46 1.02
CA GLY A 1025 -3.15 -13.45 1.60
C GLY A 1025 -4.40 -12.75 2.12
N LEU A 1026 -5.12 -12.10 1.20
CA LEU A 1026 -6.51 -11.62 1.39
C LEU A 1026 -7.39 -12.77 0.92
N PRO A 1027 -8.46 -13.16 1.65
CA PRO A 1027 -9.32 -14.25 1.22
C PRO A 1027 -10.08 -13.98 -0.09
N GLU A 1028 -10.37 -12.72 -0.45
CA GLU A 1028 -11.11 -12.40 -1.71
C GLU A 1028 -10.15 -11.91 -2.81
N LEU A 1029 -8.83 -12.03 -2.60
CA LEU A 1029 -7.80 -11.83 -3.66
C LEU A 1029 -6.77 -12.96 -3.59
N SER A 1030 -7.18 -14.17 -3.99
CA SER A 1030 -6.40 -15.45 -3.89
C SER A 1030 -6.06 -16.01 -5.28
N CYS A 1031 -7.09 -16.22 -6.13
CA CYS A 1031 -7.03 -16.95 -7.43
C CYS A 1031 -7.18 -15.99 -8.61
N SER A 1032 -7.10 -16.56 -9.83
CA SER A 1032 -7.14 -15.84 -11.13
C SER A 1032 -8.54 -15.29 -11.41
N LYS A 1033 -9.58 -15.87 -10.80
CA LYS A 1033 -11.00 -15.45 -10.99
C LYS A 1033 -11.25 -14.08 -10.32
N ASP A 1034 -10.63 -13.82 -9.19
CA ASP A 1034 -10.60 -12.48 -8.52
C ASP A 1034 -10.02 -11.44 -9.51
N ILE A 1035 -8.87 -11.74 -10.12
CA ILE A 1035 -8.20 -10.84 -11.13
C ILE A 1035 -9.13 -10.68 -12.35
N GLN A 1036 -9.83 -11.74 -12.75
CA GLN A 1036 -10.64 -11.80 -14.00
C GLN A 1036 -11.82 -10.86 -13.84
N TYR A 1037 -12.30 -10.72 -12.61
CA TYR A 1037 -13.38 -9.78 -12.25
C TYR A 1037 -13.02 -8.39 -12.80
N LEU A 1038 -11.76 -7.96 -12.62
CA LEU A 1038 -11.31 -6.61 -13.06
C LEU A 1038 -11.31 -6.54 -14.58
N LYS A 1039 -10.66 -7.52 -15.22
CA LYS A 1039 -10.65 -7.65 -16.70
C LYS A 1039 -12.10 -7.51 -17.19
N ASP A 1040 -13.03 -8.29 -16.64
CA ASP A 1040 -14.45 -8.19 -17.05
C ASP A 1040 -14.97 -6.79 -16.79
N SER A 1041 -14.61 -6.15 -15.66
CA SER A 1041 -15.26 -4.87 -15.25
C SER A 1041 -14.74 -3.71 -16.12
N LEU A 1042 -13.48 -3.76 -16.54
CA LEU A 1042 -12.82 -2.70 -17.38
C LEU A 1042 -12.90 -3.05 -18.88
N ALA A 1043 -13.50 -4.20 -19.25
CA ALA A 1043 -13.79 -4.62 -20.65
C ALA A 1043 -12.54 -4.50 -21.52
N LEU A 1044 -11.39 -4.93 -21.00
CA LEU A 1044 -10.05 -4.74 -21.62
C LEU A 1044 -9.98 -5.44 -22.99
N GLY A 1045 -10.63 -6.59 -23.15
CA GLY A 1045 -10.71 -7.30 -24.44
C GLY A 1045 -11.33 -6.43 -25.51
N LYS A 1046 -12.51 -5.87 -25.21
CA LYS A 1046 -13.34 -5.06 -26.15
C LYS A 1046 -12.64 -3.75 -26.51
N THR A 1047 -13.01 -3.18 -27.66
CA THR A 1047 -12.59 -1.84 -28.11
C THR A 1047 -13.24 -0.83 -27.17
N GLU A 1048 -12.68 0.37 -27.04
CA GLU A 1048 -13.33 1.48 -26.28
C GLU A 1048 -14.81 1.61 -26.66
N GLU A 1049 -15.10 1.57 -27.97
CA GLU A 1049 -16.45 1.87 -28.50
C GLU A 1049 -17.41 0.76 -28.03
N GLU A 1050 -16.96 -0.51 -28.09
CA GLU A 1050 -17.72 -1.70 -27.63
C GLU A 1050 -17.95 -1.64 -26.10
N ALA A 1051 -16.87 -1.47 -25.32
CA ALA A 1051 -16.86 -1.41 -23.84
C ALA A 1051 -17.82 -0.32 -23.37
N LEU A 1052 -17.76 0.84 -24.02
CA LEU A 1052 -18.63 2.00 -23.73
C LEU A 1052 -20.10 1.63 -24.00
N LYS A 1053 -20.34 0.70 -24.94
CA LYS A 1053 -21.70 0.22 -25.34
C LYS A 1053 -22.24 -0.73 -24.26
N HIS A 1054 -21.41 -1.68 -23.84
CA HIS A 1054 -21.70 -2.69 -22.80
C HIS A 1054 -21.96 -1.96 -21.48
N PHE A 1055 -21.15 -0.94 -21.18
CA PHE A 1055 -21.26 -0.08 -19.97
C PHE A 1055 -22.62 0.61 -19.98
N ARG A 1056 -23.01 1.13 -21.15
CA ARG A 1056 -24.34 1.77 -21.37
C ARG A 1056 -25.48 0.80 -21.05
N VAL A 1057 -25.32 -0.48 -21.35
CA VAL A 1057 -26.39 -1.50 -21.05
C VAL A 1057 -26.52 -1.61 -19.52
N LYS A 1058 -25.39 -1.79 -18.83
CA LYS A 1058 -25.35 -2.00 -17.36
C LYS A 1058 -25.92 -0.77 -16.66
N PHE A 1059 -25.62 0.43 -17.17
CA PHE A 1059 -25.99 1.73 -16.56
C PHE A 1059 -27.49 1.96 -16.73
N ASN A 1060 -28.00 1.59 -17.91
CA ASN A 1060 -29.45 1.63 -18.23
C ASN A 1060 -30.17 0.54 -17.43
N GLU A 1061 -29.58 -0.65 -17.34
CA GLU A 1061 -30.08 -1.73 -16.44
C GLU A 1061 -30.18 -1.19 -15.00
N ALA A 1062 -29.15 -0.47 -14.52
CA ALA A 1062 -29.08 0.07 -13.14
C ALA A 1062 -30.19 1.11 -12.92
N LEU A 1063 -30.52 1.84 -13.97
CA LEU A 1063 -31.49 2.97 -13.95
C LEU A 1063 -32.93 2.42 -13.78
N ARG A 1064 -33.26 1.31 -14.45
CA ARG A 1064 -34.61 0.65 -14.37
C ARG A 1064 -34.80 0.15 -12.94
N GLU A 1065 -33.81 -0.57 -12.42
CA GLU A 1065 -33.76 -1.14 -11.05
C GLU A 1065 -34.15 -0.07 -10.01
N SER A 1066 -33.64 1.16 -10.13
CA SER A 1066 -34.09 2.37 -9.38
C SER A 1066 -35.63 2.44 -9.37
N TRP A 1067 -36.28 1.89 -8.31
CA TRP A 1067 -37.73 1.57 -8.18
C TRP A 1067 -38.21 0.79 -9.41
NA NA B . -19.67 10.77 16.07
C1 VEN C . -13.94 0.98 5.52
C2 VEN C . -13.19 1.15 6.83
C8 VEN C . -13.50 3.78 6.91
C9 VEN C . -14.29 4.67 7.79
C10 VEN C . -14.44 6.00 7.76
C11 VEN C . -15.24 6.62 8.72
C12 VEN C . -15.89 5.83 9.67
C13 VEN C . -15.70 4.47 9.75
C14 VEN C . -14.88 3.87 8.77
C15 VEN C . -14.50 2.47 8.48
C20 VEN C . -17.79 2.47 10.16
C21 VEN C . -15.44 8.07 8.74
C27 VEN C . -19.98 12.77 11.25
C32 VEN C . -19.72 7.76 10.87
C33 VEN C . -20.63 6.57 11.30
C34 VEN C . -21.68 7.23 12.28
C35 VEN C . -21.39 8.75 12.21
C4 VEN C . -11.69 1.25 6.53
C5 VEN C . -10.72 1.28 7.70
C6 VEN C . -10.86 0.00 6.85
N7 VEN C . -13.71 2.39 7.40
O16 VEN C . -14.83 1.50 9.10
S17 VEN C . -16.58 3.57 11.02
O18 VEN C . -15.64 2.78 11.69
O19 VEN C . -17.42 4.58 11.65
S22 VEN C . -16.77 8.75 9.63
C23 VEN C . -16.29 10.36 9.18
N24 VEN C . -16.90 11.55 9.56
C25 VEN C . -18.11 11.59 10.25
C26 VEN C . -18.74 12.79 10.59
C28 VEN C . -20.54 11.53 11.58
C29 VEN C . -19.83 10.33 11.19
N30 VEN C . -18.67 10.42 10.56
N31 VEN C . -20.31 9.03 11.41
O36 VEN C . -22.06 9.59 12.81
N37 VEN C . -15.23 10.31 8.44
C38 VEN C . -14.76 9.11 8.17
C39 VEN C . -13.55 8.89 7.31
#